data_6CZB
#
_entry.id   6CZB
#
_cell.length_a   55.050
_cell.length_b   105.290
_cell.length_c   153.810
_cell.angle_alpha   90.000
_cell.angle_beta   90.000
_cell.angle_gamma   90.000
#
_symmetry.space_group_name_H-M   'P 21 21 21'
#
loop_
_entity.id
_entity.type
_entity.pdbx_description
1 polymer 'ATP-dependent dethiobiotin synthetase BioD'
2 non-polymer 'MAGNESIUM ION'
3 non-polymer "URIDINE 5'-TRIPHOSPHATE"
4 water water
#
_entity_poly.entity_id   1
_entity_poly.type   'polypeptide(L)'
_entity_poly.pdbx_seq_one_letter_code
;MGHHHHHHGGTILVVTGTGTGVGKTVVCAALASAARQAGIDVAVCKPVQTGTARGDDDLAEVGRLAGVTQLAGLARYPQP
MAPAAAAEHAGMALPARDQIVRLIADLDRPGRLTLVEGAGGLLVELAEPGVTLRDVAVDVAAAALVVVTADLGTLNHTKL
TLEALAAQQVSCAGLVIGSWPDPPGLVAASNRSALARIAMVRAALPAGAASLDAGDFAAMSAAAFDRNWVAGLVG
;
_entity_poly.pdbx_strand_id   A,B,C,D
#
# COMPACT_ATOMS: atom_id res chain seq x y z
N GLY A 9 -3.53 -23.15 -0.80
CA GLY A 9 -2.92 -23.26 -2.11
C GLY A 9 -1.50 -22.71 -2.13
N GLY A 10 -1.01 -22.32 -3.31
CA GLY A 10 0.31 -21.72 -3.43
C GLY A 10 0.33 -20.21 -3.67
N THR A 11 1.27 -19.77 -4.52
CA THR A 11 1.48 -18.35 -4.78
C THR A 11 1.22 -18.05 -6.24
N ILE A 12 0.23 -17.20 -6.49
CA ILE A 12 -0.19 -16.80 -7.82
C ILE A 12 0.23 -15.35 -8.03
N LEU A 13 0.90 -15.11 -9.15
CA LEU A 13 1.30 -13.77 -9.56
C LEU A 13 0.80 -13.52 -10.97
N VAL A 14 -0.07 -12.54 -11.15
CA VAL A 14 -0.30 -12.03 -12.50
C VAL A 14 0.88 -11.13 -12.86
N VAL A 15 1.43 -11.36 -14.04
CA VAL A 15 2.56 -10.57 -14.55
C VAL A 15 1.96 -9.63 -15.59
N THR A 16 1.61 -8.41 -15.19
CA THR A 16 1.09 -7.45 -16.15
C THR A 16 2.18 -6.45 -16.54
N GLY A 17 1.77 -5.38 -17.21
CA GLY A 17 2.69 -4.39 -17.69
C GLY A 17 1.94 -3.14 -18.05
N THR A 18 2.71 -2.08 -18.35
CA THR A 18 2.17 -0.81 -18.77
C THR A 18 1.65 -0.83 -20.21
N GLY A 19 1.80 -1.95 -20.92
CA GLY A 19 1.25 -2.01 -22.27
C GLY A 19 1.68 -3.30 -22.96
N THR A 20 1.49 -3.32 -24.29
CA THR A 20 1.96 -4.41 -25.12
C THR A 20 3.43 -4.25 -25.43
N GLY A 21 4.15 -5.37 -25.43
CA GLY A 21 5.52 -5.42 -25.88
C GLY A 21 6.49 -4.73 -24.97
N VAL A 22 6.31 -4.86 -23.66
CA VAL A 22 7.20 -4.24 -22.69
C VAL A 22 8.12 -5.24 -22.01
N GLY A 23 8.04 -6.52 -22.35
CA GLY A 23 8.84 -7.54 -21.71
C GLY A 23 8.11 -8.50 -20.77
N LYS A 24 6.77 -8.49 -20.72
CA LYS A 24 6.03 -9.38 -19.83
C LYS A 24 6.48 -10.83 -19.95
N THR A 25 6.51 -11.34 -21.18
CA THR A 25 6.88 -12.73 -21.41
C THR A 25 8.31 -13.01 -20.95
N VAL A 26 9.27 -12.16 -21.34
CA VAL A 26 10.65 -12.40 -20.93
C VAL A 26 10.80 -12.30 -19.43
N VAL A 27 10.03 -11.45 -18.76
CA VAL A 27 10.04 -11.38 -17.30
C VAL A 27 9.47 -12.66 -16.69
N CYS A 28 8.46 -13.26 -17.32
CA CYS A 28 7.91 -14.51 -16.84
C CYS A 28 8.94 -15.62 -16.92
N ALA A 29 9.60 -15.74 -18.08
CA ALA A 29 10.66 -16.73 -18.23
C ALA A 29 11.82 -16.44 -17.29
N ALA A 30 12.07 -15.17 -16.97
CA ALA A 30 13.21 -14.85 -16.11
C ALA A 30 12.90 -15.16 -14.64
N LEU A 31 11.78 -14.68 -14.13
CA LEU A 31 11.41 -14.99 -12.75
C LEU A 31 11.16 -16.49 -12.56
N ALA A 32 10.65 -17.17 -13.59
CA ALA A 32 10.45 -18.60 -13.47
C ALA A 32 11.79 -19.30 -13.32
N SER A 33 12.73 -19.00 -14.22
CA SER A 33 14.06 -19.60 -14.17
C SER A 33 14.72 -19.37 -12.81
N ALA A 34 14.66 -18.13 -12.31
CA ALA A 34 15.27 -17.84 -11.02
C ALA A 34 14.57 -18.61 -9.91
N ALA A 35 13.24 -18.63 -9.93
CA ALA A 35 12.48 -19.42 -8.97
C ALA A 35 12.85 -20.89 -9.05
N ARG A 36 12.97 -21.42 -10.27
CA ARG A 36 13.31 -22.83 -10.44
C ARG A 36 14.65 -23.16 -9.79
N GLN A 37 15.69 -22.39 -10.13
CA GLN A 37 17.03 -22.57 -9.55
C GLN A 37 17.06 -22.37 -8.04
N ALA A 38 16.05 -21.73 -7.46
CA ALA A 38 15.95 -21.59 -6.02
C ALA A 38 15.21 -22.75 -5.35
N GLY A 39 14.77 -23.76 -6.11
CA GLY A 39 13.99 -24.87 -5.60
C GLY A 39 12.48 -24.78 -5.77
N ILE A 40 11.97 -23.67 -6.31
CA ILE A 40 10.53 -23.47 -6.42
C ILE A 40 9.99 -24.20 -7.64
N ASP A 41 8.85 -24.86 -7.46
CA ASP A 41 8.12 -25.38 -8.61
C ASP A 41 7.29 -24.27 -9.26
N VAL A 42 7.30 -24.21 -10.59
CA VAL A 42 6.83 -23.04 -11.33
C VAL A 42 5.88 -23.47 -12.43
N ALA A 43 4.68 -22.89 -12.43
CA ALA A 43 3.75 -22.99 -13.56
C ALA A 43 3.59 -21.61 -14.19
N VAL A 44 3.49 -21.59 -15.52
CA VAL A 44 3.27 -20.35 -16.26
C VAL A 44 2.05 -20.52 -17.13
N CYS A 45 1.20 -19.51 -17.13
CA CYS A 45 -0.16 -19.57 -17.66
C CYS A 45 -0.41 -18.35 -18.55
N LYS A 46 -0.97 -18.58 -19.75
CA LYS A 46 -1.30 -17.53 -20.71
C LYS A 46 -2.73 -17.72 -21.18
N PRO A 47 -3.72 -17.23 -20.42
CA PRO A 47 -5.11 -17.53 -20.76
C PRO A 47 -5.55 -17.01 -22.12
N VAL A 48 -5.05 -15.87 -22.57
CA VAL A 48 -5.49 -15.27 -23.83
C VAL A 48 -4.26 -14.97 -24.69
N GLN A 49 -4.23 -15.56 -25.88
CA GLN A 49 -3.08 -15.47 -26.77
C GLN A 49 -3.58 -15.01 -28.13
N THR A 50 -3.21 -13.80 -28.52
CA THR A 50 -3.51 -13.28 -29.84
C THR A 50 -2.29 -13.44 -30.75
N GLY A 51 -2.51 -13.13 -32.04
CA GLY A 51 -1.43 -13.13 -33.01
C GLY A 51 -0.79 -14.46 -33.35
N THR A 52 -1.53 -15.58 -33.25
CA THR A 52 -0.89 -16.87 -33.52
C THR A 52 -0.60 -17.05 -35.01
N ALA A 53 -1.42 -16.45 -35.89
CA ALA A 53 -1.17 -16.48 -37.31
C ALA A 53 0.12 -15.75 -37.71
N ARG A 54 0.74 -14.97 -36.83
CA ARG A 54 2.10 -14.50 -37.06
C ARG A 54 3.11 -15.27 -36.21
N GLY A 55 2.68 -16.33 -35.54
CA GLY A 55 3.61 -17.15 -34.78
C GLY A 55 3.90 -16.63 -33.39
N ASP A 56 3.02 -15.80 -32.84
CA ASP A 56 3.17 -15.40 -31.44
C ASP A 56 2.76 -16.55 -30.56
N ASP A 57 3.62 -16.90 -29.60
CA ASP A 57 3.29 -17.95 -28.65
C ASP A 57 4.15 -17.71 -27.41
N ASP A 58 3.58 -16.99 -26.44
CA ASP A 58 4.34 -16.59 -25.25
C ASP A 58 4.64 -17.79 -24.35
N LEU A 59 3.68 -18.70 -24.17
CA LEU A 59 3.95 -19.96 -23.46
C LEU A 59 5.16 -20.68 -24.07
N ALA A 60 5.12 -20.92 -25.38
CA ALA A 60 6.22 -21.61 -26.05
C ALA A 60 7.54 -20.87 -25.86
N GLU A 61 7.52 -19.54 -25.89
CA GLU A 61 8.74 -18.76 -25.68
C GLU A 61 9.21 -18.85 -24.24
N VAL A 62 8.28 -18.91 -23.27
CA VAL A 62 8.71 -19.04 -21.87
C VAL A 62 9.39 -20.39 -21.63
N GLY A 63 8.88 -21.45 -22.25
CA GLY A 63 9.54 -22.73 -22.14
C GLY A 63 10.88 -22.75 -22.85
N ARG A 64 10.92 -22.20 -24.07
CA ARG A 64 12.17 -22.09 -24.81
C ARG A 64 13.27 -21.47 -23.96
N LEU A 65 12.95 -20.42 -23.20
CA LEU A 65 13.97 -19.65 -22.51
C LEU A 65 14.33 -20.24 -21.14
N ALA A 66 13.33 -20.67 -20.37
CA ALA A 66 13.53 -21.10 -19.00
C ALA A 66 13.34 -22.59 -18.77
N GLY A 67 12.93 -23.35 -19.79
CA GLY A 67 12.71 -24.76 -19.61
C GLY A 67 11.50 -25.12 -18.78
N VAL A 68 10.58 -24.16 -18.57
CA VAL A 68 9.37 -24.45 -17.83
C VAL A 68 8.53 -25.44 -18.63
N THR A 69 8.10 -26.51 -17.96
CA THR A 69 7.30 -27.52 -18.63
C THR A 69 5.81 -27.33 -18.40
N GLN A 70 5.44 -26.74 -17.26
CA GLN A 70 4.03 -26.61 -16.87
C GLN A 70 3.50 -25.29 -17.45
N LEU A 71 2.90 -25.40 -18.64
CA LEU A 71 2.51 -24.29 -19.51
C LEU A 71 1.03 -24.43 -19.87
N ALA A 72 0.19 -23.50 -19.41
CA ALA A 72 -1.26 -23.61 -19.58
C ALA A 72 -1.82 -22.46 -20.42
N GLY A 73 -2.43 -22.80 -21.55
CA GLY A 73 -3.20 -21.86 -22.33
C GLY A 73 -4.69 -22.16 -22.24
N LEU A 74 -5.46 -21.35 -22.98
CA LEU A 74 -6.90 -21.55 -23.10
C LEU A 74 -7.35 -21.05 -24.46
N ALA A 75 -7.46 -19.74 -24.64
CA ALA A 75 -7.99 -19.15 -25.87
C ALA A 75 -6.87 -18.64 -26.76
N ARG A 76 -7.00 -18.92 -28.06
CA ARG A 76 -6.03 -18.50 -29.06
C ARG A 76 -6.75 -17.88 -30.26
N TYR A 77 -6.16 -16.82 -30.81
CA TYR A 77 -6.72 -16.05 -31.90
C TYR A 77 -5.64 -15.71 -32.93
N PRO A 78 -5.94 -15.85 -34.22
CA PRO A 78 -4.90 -15.62 -35.25
C PRO A 78 -4.38 -14.19 -35.32
N GLN A 79 -5.26 -13.18 -35.43
CA GLN A 79 -4.80 -11.83 -35.74
C GLN A 79 -4.11 -11.18 -34.53
N PRO A 80 -3.06 -10.40 -34.76
CA PRO A 80 -2.35 -9.65 -33.70
C PRO A 80 -3.06 -8.34 -33.35
N MET A 81 -4.16 -8.46 -32.63
CA MET A 81 -4.88 -7.28 -32.19
C MET A 81 -5.42 -7.54 -30.79
N ALA A 82 -6.18 -6.58 -30.29
CA ALA A 82 -6.78 -6.73 -28.98
C ALA A 82 -7.59 -8.03 -28.95
N PRO A 83 -7.54 -8.78 -27.83
CA PRO A 83 -8.30 -10.04 -27.76
C PRO A 83 -9.74 -9.91 -28.22
N ALA A 84 -10.44 -8.87 -27.74
CA ALA A 84 -11.80 -8.61 -28.20
C ALA A 84 -11.85 -8.55 -29.72
N ALA A 85 -10.99 -7.74 -30.32
CA ALA A 85 -11.04 -7.63 -31.78
C ALA A 85 -10.47 -8.87 -32.45
N ALA A 86 -9.39 -9.45 -31.92
CA ALA A 86 -8.89 -10.68 -32.52
C ALA A 86 -9.96 -11.76 -32.54
N ALA A 87 -10.73 -11.86 -31.46
CA ALA A 87 -11.78 -12.89 -31.37
C ALA A 87 -12.90 -12.63 -32.35
N GLU A 88 -13.44 -11.41 -32.36
CA GLU A 88 -14.53 -11.09 -33.29
C GLU A 88 -14.10 -11.26 -34.74
N HIS A 89 -12.82 -11.06 -35.04
CA HIS A 89 -12.33 -11.22 -36.41
C HIS A 89 -12.44 -12.66 -36.88
N ALA A 90 -12.19 -13.60 -35.98
CA ALA A 90 -12.17 -15.03 -36.29
C ALA A 90 -13.53 -15.68 -36.08
N GLY A 91 -14.58 -14.90 -35.84
CA GLY A 91 -15.88 -15.46 -35.54
C GLY A 91 -15.95 -16.26 -34.25
N MET A 92 -15.00 -16.05 -33.33
CA MET A 92 -14.94 -16.78 -32.07
C MET A 92 -15.28 -15.85 -30.91
N ALA A 93 -15.38 -16.44 -29.72
CA ALA A 93 -15.77 -15.70 -28.52
C ALA A 93 -14.59 -15.59 -27.57
N LEU A 94 -14.67 -14.60 -26.70
CA LEU A 94 -13.72 -14.52 -25.61
C LEU A 94 -14.11 -15.53 -24.53
N PRO A 95 -13.14 -16.09 -23.80
CA PRO A 95 -13.50 -16.99 -22.70
C PRO A 95 -14.29 -16.25 -21.63
N ALA A 96 -15.04 -17.02 -20.84
CA ALA A 96 -15.77 -16.44 -19.74
C ALA A 96 -14.81 -16.19 -18.59
N ARG A 97 -15.16 -15.24 -17.72
CA ARG A 97 -14.36 -14.98 -16.52
C ARG A 97 -14.05 -16.26 -15.74
N ASP A 98 -15.06 -17.11 -15.51
CA ASP A 98 -14.81 -18.29 -14.69
C ASP A 98 -13.95 -19.33 -15.40
N GLN A 99 -13.92 -19.33 -16.73
CA GLN A 99 -12.99 -20.23 -17.42
C GLN A 99 -11.54 -19.81 -17.17
N ILE A 100 -11.25 -18.52 -17.21
CA ILE A 100 -9.90 -18.06 -16.89
C ILE A 100 -9.53 -18.40 -15.45
N VAL A 101 -10.42 -18.08 -14.50
CA VAL A 101 -10.14 -18.32 -13.09
C VAL A 101 -9.93 -19.81 -12.83
N ARG A 102 -10.70 -20.67 -13.51
CA ARG A 102 -10.55 -22.10 -13.32
C ARG A 102 -9.21 -22.59 -13.84
N LEU A 103 -8.79 -22.09 -15.00
CA LEU A 103 -7.50 -22.48 -15.58
C LEU A 103 -6.36 -22.22 -14.60
N ILE A 104 -6.41 -21.07 -13.93
CA ILE A 104 -5.37 -20.71 -12.97
C ILE A 104 -5.53 -21.54 -11.70
N ALA A 105 -6.74 -21.53 -11.12
CA ALA A 105 -7.04 -22.31 -9.91
C ALA A 105 -6.53 -23.75 -10.00
N ASP A 106 -6.59 -24.36 -11.19
CA ASP A 106 -6.14 -25.73 -11.28
C ASP A 106 -4.63 -25.87 -11.13
N LEU A 107 -3.86 -24.87 -11.60
CA LEU A 107 -2.41 -24.92 -11.46
C LEU A 107 -1.97 -24.70 -10.02
N ASP A 108 -2.72 -23.90 -9.27
CA ASP A 108 -2.30 -23.48 -7.95
C ASP A 108 -2.07 -24.69 -7.03
N ARG A 109 -0.86 -24.78 -6.48
CA ARG A 109 -0.47 -25.85 -5.58
C ARG A 109 0.42 -25.23 -4.51
N PRO A 110 0.35 -25.71 -3.27
CA PRO A 110 1.27 -25.18 -2.24
C PRO A 110 2.71 -25.40 -2.69
N GLY A 111 3.56 -24.41 -2.36
CA GLY A 111 4.95 -24.46 -2.74
C GLY A 111 5.22 -24.29 -4.21
N ARG A 112 4.19 -24.02 -5.00
CA ARG A 112 4.39 -23.67 -6.40
C ARG A 112 4.10 -22.19 -6.65
N LEU A 113 4.99 -21.55 -7.42
CA LEU A 113 4.73 -20.23 -7.98
C LEU A 113 4.04 -20.43 -9.33
N THR A 114 2.79 -19.99 -9.42
CA THR A 114 2.10 -19.89 -10.71
C THR A 114 2.14 -18.45 -11.20
N LEU A 115 2.67 -18.25 -12.40
CA LEU A 115 2.70 -16.94 -13.06
C LEU A 115 1.64 -16.86 -14.15
N VAL A 116 0.92 -15.74 -14.20
CA VAL A 116 -0.14 -15.54 -15.17
C VAL A 116 0.19 -14.29 -15.99
N GLU A 117 0.51 -14.49 -17.27
CA GLU A 117 0.72 -13.36 -18.17
C GLU A 117 -0.61 -12.94 -18.80
N GLY A 118 -0.89 -11.64 -18.79
CA GLY A 118 -2.02 -11.09 -19.49
C GLY A 118 -1.74 -10.90 -20.98
N ALA A 119 -2.71 -10.28 -21.65
CA ALA A 119 -2.56 -9.78 -23.01
C ALA A 119 -2.45 -8.26 -22.97
N GLY A 120 -1.37 -7.71 -23.53
CA GLY A 120 -1.14 -6.27 -23.40
C GLY A 120 -1.10 -5.84 -21.94
N GLY A 121 -1.78 -4.74 -21.63
CA GLY A 121 -1.73 -4.16 -20.29
C GLY A 121 -2.95 -4.46 -19.43
N LEU A 122 -2.92 -3.88 -18.21
CA LEU A 122 -3.77 -4.34 -17.12
C LEU A 122 -5.26 -4.28 -17.45
N LEU A 123 -5.72 -3.29 -18.21
CA LEU A 123 -7.15 -3.14 -18.42
C LEU A 123 -7.61 -3.66 -19.78
N VAL A 124 -6.75 -4.29 -20.56
CA VAL A 124 -7.23 -4.97 -21.76
C VAL A 124 -8.30 -5.99 -21.39
N GLU A 125 -9.38 -6.03 -22.17
CA GLU A 125 -10.46 -6.95 -21.91
C GLU A 125 -10.02 -8.38 -22.26
N LEU A 126 -10.16 -9.28 -21.29
CA LEU A 126 -9.85 -10.69 -21.52
C LEU A 126 -11.09 -11.56 -21.62
N ALA A 127 -12.20 -11.13 -21.04
CA ALA A 127 -13.43 -11.88 -21.03
C ALA A 127 -14.59 -10.90 -21.09
N GLU A 128 -15.69 -11.35 -21.66
CA GLU A 128 -16.88 -10.51 -21.64
C GLU A 128 -17.56 -10.59 -20.28
N PRO A 129 -18.16 -9.49 -19.81
CA PRO A 129 -18.14 -8.16 -20.43
C PRO A 129 -17.12 -7.24 -19.79
N GLY A 130 -16.09 -6.83 -20.53
CA GLY A 130 -15.12 -5.91 -19.97
C GLY A 130 -14.28 -6.48 -18.84
N VAL A 131 -14.23 -7.80 -18.69
CA VAL A 131 -13.45 -8.42 -17.62
C VAL A 131 -11.97 -8.36 -17.97
N THR A 132 -11.17 -7.89 -17.02
CA THR A 132 -9.74 -7.64 -17.21
C THR A 132 -8.92 -8.56 -16.32
N LEU A 133 -7.61 -8.52 -16.54
CA LEU A 133 -6.69 -9.26 -15.68
C LEU A 133 -6.79 -8.79 -14.25
N ARG A 134 -7.18 -7.53 -14.03
CA ARG A 134 -7.34 -7.04 -12.67
C ARG A 134 -8.43 -7.81 -11.93
N ASP A 135 -9.54 -8.09 -12.61
CA ASP A 135 -10.61 -8.85 -11.98
C ASP A 135 -10.17 -10.28 -11.70
N VAL A 136 -9.46 -10.89 -12.65
CA VAL A 136 -8.96 -12.23 -12.44
C VAL A 136 -8.08 -12.27 -11.20
N ALA A 137 -7.17 -11.30 -11.09
CA ALA A 137 -6.29 -11.21 -9.94
C ALA A 137 -7.08 -11.12 -8.65
N VAL A 138 -8.20 -10.38 -8.67
CA VAL A 138 -9.04 -10.29 -7.49
C VAL A 138 -9.64 -11.66 -7.17
N ASP A 139 -10.12 -12.38 -8.19
CA ASP A 139 -10.78 -13.67 -7.97
C ASP A 139 -9.84 -14.70 -7.39
N VAL A 140 -8.60 -14.76 -7.86
CA VAL A 140 -7.68 -15.76 -7.32
C VAL A 140 -6.76 -15.14 -6.26
N ALA A 141 -7.12 -13.95 -5.77
CA ALA A 141 -6.35 -13.28 -4.72
C ALA A 141 -4.87 -13.16 -5.05
N ALA A 142 -4.55 -12.88 -6.32
CA ALA A 142 -3.15 -12.77 -6.69
C ALA A 142 -2.58 -11.36 -6.45
N ALA A 143 -1.27 -11.28 -6.42
CA ALA A 143 -0.53 -10.03 -6.51
C ALA A 143 -0.08 -9.83 -7.95
N ALA A 144 0.24 -8.58 -8.27
CA ALA A 144 0.59 -8.19 -9.63
C ALA A 144 2.06 -7.76 -9.69
N LEU A 145 2.83 -8.40 -10.55
CA LEU A 145 4.12 -7.89 -10.98
C LEU A 145 3.93 -7.04 -12.24
N VAL A 146 4.42 -5.80 -12.19
CA VAL A 146 4.19 -4.79 -13.22
C VAL A 146 5.49 -4.61 -14.00
N VAL A 147 5.51 -5.09 -15.23
CA VAL A 147 6.65 -4.89 -16.10
C VAL A 147 6.52 -3.52 -16.76
N VAL A 148 7.59 -2.74 -16.74
CA VAL A 148 7.62 -1.37 -17.22
C VAL A 148 8.80 -1.20 -18.16
N THR A 149 8.77 -0.13 -18.95
CA THR A 149 9.95 0.30 -19.71
C THR A 149 10.80 1.29 -18.90
N ALA A 150 11.96 1.61 -19.45
CA ALA A 150 12.79 2.70 -19.00
C ALA A 150 12.63 3.95 -19.85
N ASP A 151 11.83 3.88 -20.92
CA ASP A 151 11.66 4.94 -21.89
C ASP A 151 10.75 6.03 -21.33
N LEU A 152 10.71 7.17 -22.00
CA LEU A 152 9.93 8.28 -21.46
C LEU A 152 8.45 8.03 -21.72
N GLY A 153 7.62 8.53 -20.81
CA GLY A 153 6.28 8.03 -20.63
C GLY A 153 6.13 6.94 -19.58
N THR A 154 7.21 6.20 -19.26
CA THR A 154 7.06 5.05 -18.36
C THR A 154 6.46 5.45 -17.00
N LEU A 155 6.82 6.62 -16.48
CA LEU A 155 6.36 7.01 -15.14
C LEU A 155 4.85 7.25 -15.12
N ASN A 156 4.33 7.92 -16.16
CA ASN A 156 2.88 8.14 -16.22
C ASN A 156 2.13 6.82 -16.30
N HIS A 157 2.64 5.91 -17.11
CA HIS A 157 1.96 4.63 -17.32
C HIS A 157 2.09 3.74 -16.09
N THR A 158 3.29 3.67 -15.50
CA THR A 158 3.48 2.93 -14.26
C THR A 158 2.54 3.44 -13.16
N LYS A 159 2.49 4.75 -12.93
CA LYS A 159 1.61 5.25 -11.86
C LYS A 159 0.13 5.06 -12.20
N LEU A 160 -0.23 5.15 -13.48
CA LEU A 160 -1.61 4.87 -13.85
C LEU A 160 -1.99 3.43 -13.51
N THR A 161 -1.05 2.49 -13.73
CA THR A 161 -1.31 1.08 -13.48
C THR A 161 -1.34 0.77 -11.99
N LEU A 162 -0.37 1.30 -11.23
CA LEU A 162 -0.35 1.12 -9.77
C LEU A 162 -1.60 1.68 -9.13
N GLU A 163 -2.11 2.80 -9.65
CA GLU A 163 -3.37 3.32 -9.17
C GLU A 163 -4.52 2.37 -9.51
N ALA A 164 -4.48 1.78 -10.71
CA ALA A 164 -5.56 0.89 -11.12
C ALA A 164 -5.60 -0.36 -10.26
N LEU A 165 -4.42 -0.92 -9.93
CA LEU A 165 -4.36 -2.08 -9.02
C LEU A 165 -4.90 -1.73 -7.64
N ALA A 166 -4.41 -0.62 -7.05
CA ALA A 166 -4.78 -0.26 -5.69
C ALA A 166 -6.25 0.08 -5.57
N ALA A 167 -6.90 0.50 -6.66
CA ALA A 167 -8.33 0.77 -6.58
C ALA A 167 -9.14 -0.50 -6.39
N GLN A 168 -8.59 -1.64 -6.79
CA GLN A 168 -9.23 -2.93 -6.61
C GLN A 168 -8.58 -3.72 -5.47
N GLN A 169 -7.67 -3.09 -4.72
CA GLN A 169 -6.93 -3.74 -3.63
C GLN A 169 -6.13 -4.96 -4.12
N VAL A 170 -5.67 -4.92 -5.37
CA VAL A 170 -4.69 -5.90 -5.85
C VAL A 170 -3.31 -5.41 -5.44
N SER A 171 -2.61 -6.22 -4.66
CA SER A 171 -1.31 -5.85 -4.15
C SER A 171 -0.26 -5.85 -5.25
N CYS A 172 0.60 -4.83 -5.24
CA CYS A 172 1.70 -4.73 -6.19
C CYS A 172 2.91 -5.46 -5.64
N ALA A 173 3.34 -6.51 -6.34
CA ALA A 173 4.54 -7.24 -5.96
C ALA A 173 5.80 -6.46 -6.28
N GLY A 174 5.70 -5.38 -7.06
CA GLY A 174 6.85 -4.61 -7.49
C GLY A 174 6.86 -4.41 -9.00
N LEU A 175 7.99 -3.89 -9.49
CA LEU A 175 8.20 -3.61 -10.90
C LEU A 175 9.40 -4.39 -11.43
N VAL A 176 9.34 -4.72 -12.71
CA VAL A 176 10.49 -5.21 -13.44
C VAL A 176 10.65 -4.37 -14.70
N ILE A 177 11.80 -3.70 -14.82
CA ILE A 177 12.19 -3.10 -16.08
C ILE A 177 12.47 -4.23 -17.06
N GLY A 178 11.68 -4.30 -18.13
CA GLY A 178 11.72 -5.45 -19.02
C GLY A 178 12.85 -5.45 -20.03
N SER A 179 13.38 -4.27 -20.32
CA SER A 179 14.57 -4.14 -21.16
C SER A 179 15.40 -3.03 -20.56
N TRP A 180 16.70 -3.26 -20.44
CA TRP A 180 17.58 -2.27 -19.87
C TRP A 180 18.74 -2.07 -20.85
N PRO A 181 19.02 -0.84 -21.25
CA PRO A 181 20.08 -0.61 -22.24
C PRO A 181 21.44 -0.47 -21.57
N ASP A 182 22.45 -0.99 -22.26
CA ASP A 182 23.82 -1.02 -21.76
C ASP A 182 24.68 -0.07 -22.57
N PRO A 183 25.06 1.11 -22.03
CA PRO A 183 24.61 1.66 -20.75
C PRO A 183 23.38 2.57 -20.94
N PRO A 184 22.76 3.03 -19.86
CA PRO A 184 21.57 3.88 -20.02
C PRO A 184 21.85 5.27 -20.55
N GLY A 185 20.88 6.17 -20.43
CA GLY A 185 21.01 7.56 -20.82
C GLY A 185 20.49 8.45 -19.72
N LEU A 186 20.24 9.72 -20.01
CA LEU A 186 19.75 10.60 -18.95
C LEU A 186 18.29 10.30 -18.60
N VAL A 187 17.43 10.14 -19.60
CA VAL A 187 16.04 9.77 -19.31
C VAL A 187 15.99 8.37 -18.70
N ALA A 188 16.58 7.39 -19.38
CA ALA A 188 16.62 6.02 -18.87
C ALA A 188 17.09 5.95 -17.43
N ALA A 189 18.08 6.78 -17.05
CA ALA A 189 18.56 6.75 -15.68
C ALA A 189 17.63 7.50 -14.74
N SER A 190 17.05 8.61 -15.21
CA SER A 190 16.13 9.35 -14.36
C SER A 190 14.83 8.56 -14.17
N ASN A 191 14.37 7.89 -15.22
CA ASN A 191 13.21 7.02 -15.11
C ASN A 191 13.43 5.97 -14.01
N ARG A 192 14.50 5.18 -14.15
CA ARG A 192 14.80 4.15 -13.16
C ARG A 192 14.80 4.73 -11.75
N SER A 193 15.55 5.82 -11.54
CA SER A 193 15.59 6.45 -10.23
C SER A 193 14.21 6.89 -9.77
N ALA A 194 13.41 7.41 -10.70
CA ALA A 194 12.07 7.87 -10.32
C ALA A 194 11.14 6.69 -10.08
N LEU A 195 11.27 5.64 -10.89
CA LEU A 195 10.49 4.41 -10.65
C LEU A 195 10.74 3.88 -9.25
N ALA A 196 12.01 3.66 -8.90
CA ALA A 196 12.40 3.09 -7.63
C ALA A 196 12.00 3.96 -6.44
N ARG A 197 11.36 5.10 -6.70
CA ARG A 197 10.88 5.95 -5.61
C ARG A 197 9.44 5.67 -5.23
N ILE A 198 8.61 5.23 -6.17
CA ILE A 198 7.22 4.90 -5.84
C ILE A 198 6.98 3.41 -5.77
N ALA A 199 7.91 2.58 -6.22
CA ALA A 199 7.73 1.14 -6.14
C ALA A 199 9.07 0.43 -6.17
N MET A 200 9.11 -0.77 -5.59
CA MET A 200 10.31 -1.58 -5.55
C MET A 200 10.63 -2.12 -6.93
N VAL A 201 11.91 -2.10 -7.30
CA VAL A 201 12.28 -2.48 -8.66
C VAL A 201 12.99 -3.82 -8.64
N ARG A 202 12.22 -4.90 -8.81
CA ARG A 202 12.73 -6.24 -8.60
C ARG A 202 13.81 -6.61 -9.60
N ALA A 203 13.78 -6.06 -10.81
CA ALA A 203 14.78 -6.48 -11.78
C ALA A 203 14.90 -5.45 -12.89
N ALA A 204 15.86 -5.70 -13.79
CA ALA A 204 16.15 -4.87 -14.95
C ALA A 204 16.84 -5.72 -16.01
N LEU A 205 16.08 -6.49 -16.76
CA LEU A 205 16.67 -7.51 -17.61
C LEU A 205 17.47 -6.85 -18.75
N PRO A 206 18.70 -7.27 -18.98
CA PRO A 206 19.46 -6.74 -20.12
C PRO A 206 18.68 -6.85 -21.41
N ALA A 207 18.69 -5.76 -22.19
CA ALA A 207 18.10 -5.75 -23.51
C ALA A 207 18.59 -6.96 -24.30
N GLY A 208 17.74 -7.44 -25.20
CA GLY A 208 18.08 -8.66 -25.91
C GLY A 208 18.12 -9.91 -25.06
N ALA A 209 17.69 -9.85 -23.78
CA ALA A 209 17.64 -11.06 -22.97
C ALA A 209 16.89 -12.18 -23.66
N ALA A 210 15.98 -11.85 -24.57
CA ALA A 210 15.22 -12.83 -25.34
C ALA A 210 16.04 -13.54 -26.42
N SER A 211 17.33 -13.26 -26.53
CA SER A 211 18.19 -13.97 -27.46
C SER A 211 19.21 -14.86 -26.77
N LEU A 212 19.33 -14.76 -25.45
CA LEU A 212 20.23 -15.61 -24.69
C LEU A 212 19.80 -17.07 -24.77
N ASP A 213 20.79 -17.96 -24.88
CA ASP A 213 20.55 -19.38 -24.80
C ASP A 213 20.41 -19.80 -23.34
N ALA A 214 20.13 -21.10 -23.14
CA ALA A 214 19.80 -21.65 -21.83
C ALA A 214 20.63 -21.07 -20.69
N GLY A 215 21.95 -21.29 -20.74
CA GLY A 215 22.79 -20.95 -19.60
C GLY A 215 22.85 -19.46 -19.31
N ASP A 216 23.16 -18.67 -20.34
CA ASP A 216 23.21 -17.21 -20.16
C ASP A 216 21.91 -16.67 -19.59
N PHE A 217 20.79 -17.11 -20.16
CA PHE A 217 19.48 -16.72 -19.62
C PHE A 217 19.36 -17.11 -18.16
N ALA A 218 19.70 -18.37 -17.84
CA ALA A 218 19.64 -18.82 -16.45
C ALA A 218 20.64 -18.07 -15.58
N ALA A 219 21.83 -17.82 -16.12
CA ALA A 219 22.78 -16.95 -15.42
C ALA A 219 22.21 -15.56 -15.23
N MET A 220 21.70 -14.96 -16.30
CA MET A 220 21.10 -13.63 -16.21
C MET A 220 19.96 -13.62 -15.20
N SER A 221 19.02 -14.57 -15.33
CA SER A 221 17.86 -14.63 -14.46
C SER A 221 18.25 -14.63 -12.98
N ALA A 222 19.26 -15.44 -12.61
CA ALA A 222 19.63 -15.56 -11.21
C ALA A 222 20.18 -14.25 -10.67
N ALA A 223 21.03 -13.58 -11.45
CA ALA A 223 21.56 -12.29 -11.03
C ALA A 223 20.52 -11.18 -11.19
N ALA A 224 19.58 -11.35 -12.13
CA ALA A 224 18.57 -10.31 -12.36
C ALA A 224 17.67 -10.10 -11.14
N PHE A 225 17.39 -11.16 -10.37
CA PHE A 225 16.53 -11.05 -9.21
C PHE A 225 17.30 -11.31 -7.93
N ASP A 226 16.85 -10.68 -6.85
CA ASP A 226 17.36 -10.91 -5.50
C ASP A 226 16.84 -12.26 -5.00
N ARG A 227 17.71 -13.27 -5.02
CA ARG A 227 17.39 -14.63 -4.60
C ARG A 227 16.47 -14.67 -3.39
N ASN A 228 16.68 -13.77 -2.44
CA ASN A 228 15.85 -13.77 -1.24
C ASN A 228 14.42 -13.37 -1.54
N TRP A 229 14.20 -12.38 -2.40
CA TRP A 229 12.84 -11.98 -2.75
C TRP A 229 12.09 -13.12 -3.46
N VAL A 230 12.76 -13.76 -4.40
CA VAL A 230 12.19 -14.94 -5.06
C VAL A 230 11.81 -16.00 -4.03
N ALA A 231 12.79 -16.59 -3.36
CA ALA A 231 12.49 -17.68 -2.44
C ALA A 231 11.46 -17.27 -1.39
N GLY A 232 11.38 -15.98 -1.09
CA GLY A 232 10.34 -15.51 -0.19
C GLY A 232 8.97 -15.38 -0.80
N LEU A 233 8.81 -15.64 -2.10
CA LEU A 233 7.52 -15.48 -2.76
C LEU A 233 6.55 -16.59 -2.41
N VAL A 234 7.09 -17.75 -2.06
CA VAL A 234 6.28 -18.93 -1.80
C VAL A 234 6.93 -19.70 -0.66
N GLY A 235 6.20 -19.88 0.43
CA GLY A 235 6.70 -20.66 1.54
C GLY A 235 6.34 -22.11 1.30
N GLY B 9 -17.03 32.04 -13.96
CA GLY B 9 -16.22 32.25 -15.15
C GLY B 9 -16.85 31.71 -16.42
N GLY B 10 -16.01 31.08 -17.25
CA GLY B 10 -16.48 30.41 -18.45
C GLY B 10 -16.25 28.91 -18.35
N THR B 11 -15.56 28.35 -19.34
CA THR B 11 -15.28 26.92 -19.36
C THR B 11 -13.77 26.71 -19.37
N ILE B 12 -13.32 25.80 -18.50
CA ILE B 12 -11.91 25.41 -18.40
C ILE B 12 -11.82 23.93 -18.73
N LEU B 13 -11.04 23.60 -19.76
CA LEU B 13 -10.77 22.22 -20.15
C LEU B 13 -9.28 21.95 -20.00
N VAL B 14 -8.93 20.90 -19.25
CA VAL B 14 -7.59 20.37 -19.40
C VAL B 14 -7.59 19.44 -20.60
N VAL B 15 -6.56 19.55 -21.42
CA VAL B 15 -6.38 18.69 -22.56
C VAL B 15 -5.25 17.75 -22.21
N THR B 16 -5.59 16.57 -21.69
CA THR B 16 -4.56 15.60 -21.36
C THR B 16 -4.43 14.60 -22.50
N GLY B 17 -3.61 13.58 -22.28
CA GLY B 17 -3.46 12.53 -23.26
C GLY B 17 -3.03 11.26 -22.55
N THR B 18 -2.95 10.18 -23.33
CA THR B 18 -2.51 8.88 -22.85
C THR B 18 -0.99 8.77 -22.80
N GLY B 19 -0.26 9.78 -23.27
CA GLY B 19 1.18 9.74 -23.23
C GLY B 19 1.78 11.02 -23.82
N THR B 20 3.10 10.98 -23.97
CA THR B 20 3.82 11.99 -24.74
C THR B 20 3.63 11.75 -26.22
N GLY B 21 3.62 12.84 -26.99
CA GLY B 21 3.56 12.70 -28.44
C GLY B 21 2.29 12.10 -28.99
N VAL B 22 1.14 12.45 -28.42
CA VAL B 22 -0.14 11.96 -28.92
C VAL B 22 -0.93 13.06 -29.64
N GLY B 23 -0.43 14.29 -29.64
CA GLY B 23 -1.06 15.38 -30.33
C GLY B 23 -1.89 16.32 -29.48
N LYS B 24 -1.57 16.48 -28.19
CA LYS B 24 -2.41 17.34 -27.37
C LYS B 24 -2.36 18.77 -27.88
N THR B 25 -1.18 19.22 -28.33
CA THR B 25 -1.03 20.59 -28.79
C THR B 25 -1.83 20.84 -30.06
N VAL B 26 -1.74 19.93 -31.03
CA VAL B 26 -2.53 20.08 -32.25
C VAL B 26 -4.01 20.05 -31.92
N VAL B 27 -4.42 19.24 -30.95
CA VAL B 27 -5.83 19.17 -30.59
C VAL B 27 -6.29 20.45 -29.90
N CYS B 28 -5.47 20.97 -28.97
CA CYS B 28 -5.69 22.31 -28.43
C CYS B 28 -5.88 23.31 -29.55
N ALA B 29 -4.98 23.29 -30.53
CA ALA B 29 -5.04 24.24 -31.62
C ALA B 29 -6.28 24.03 -32.46
N ALA B 30 -6.69 22.77 -32.65
CA ALA B 30 -7.86 22.48 -33.46
C ALA B 30 -9.14 22.88 -32.75
N LEU B 31 -9.27 22.54 -31.46
CA LEU B 31 -10.45 22.97 -30.72
C LEU B 31 -10.51 24.48 -30.60
N ALA B 32 -9.38 25.11 -30.27
CA ALA B 32 -9.29 26.57 -30.27
C ALA B 32 -9.79 27.12 -31.60
N SER B 33 -9.29 26.56 -32.70
CA SER B 33 -9.64 27.09 -34.01
C SER B 33 -11.11 26.85 -34.33
N ALA B 34 -11.69 25.77 -33.82
CA ALA B 34 -13.12 25.58 -34.05
C ALA B 34 -13.94 26.49 -33.14
N ALA B 35 -13.53 26.62 -31.88
CA ALA B 35 -14.24 27.52 -30.96
C ALA B 35 -14.14 28.98 -31.41
N ARG B 36 -13.00 29.39 -31.99
CA ARG B 36 -12.89 30.76 -32.48
C ARG B 36 -13.83 31.02 -33.65
N GLN B 37 -13.91 30.08 -34.60
CA GLN B 37 -14.83 30.25 -35.71
C GLN B 37 -16.27 30.14 -35.26
N ALA B 38 -16.52 29.60 -34.06
CA ALA B 38 -17.84 29.65 -33.45
C ALA B 38 -18.10 30.96 -32.70
N GLY B 39 -17.19 31.93 -32.77
CA GLY B 39 -17.35 33.18 -32.05
C GLY B 39 -16.98 33.12 -30.59
N ILE B 40 -16.38 32.03 -30.14
CA ILE B 40 -15.98 31.83 -28.74
C ILE B 40 -14.57 32.36 -28.56
N ASP B 41 -14.34 33.05 -27.44
CA ASP B 41 -13.02 33.57 -27.10
C ASP B 41 -12.22 32.48 -26.39
N VAL B 42 -10.98 32.27 -26.83
CA VAL B 42 -10.19 31.11 -26.45
C VAL B 42 -8.88 31.58 -25.83
N ALA B 43 -8.50 30.97 -24.69
CA ALA B 43 -7.16 31.08 -24.15
C ALA B 43 -6.54 29.69 -23.99
N VAL B 44 -5.21 29.61 -24.06
CA VAL B 44 -4.51 28.35 -23.89
C VAL B 44 -3.38 28.57 -22.88
N CYS B 45 -3.31 27.70 -21.89
CA CYS B 45 -2.28 27.75 -20.86
C CYS B 45 -1.41 26.51 -20.94
N LYS B 46 -0.11 26.71 -21.03
CA LYS B 46 0.90 25.65 -20.98
C LYS B 46 1.86 26.08 -19.88
N PRO B 47 1.55 25.73 -18.63
CA PRO B 47 2.33 26.29 -17.51
C PRO B 47 3.80 25.96 -17.56
N VAL B 48 4.13 24.72 -17.95
CA VAL B 48 5.50 24.22 -17.98
C VAL B 48 5.80 23.73 -19.38
N GLN B 49 6.81 24.30 -20.03
CA GLN B 49 7.30 23.85 -21.33
C GLN B 49 8.76 23.39 -21.22
N THR B 50 9.03 22.18 -21.72
CA THR B 50 10.39 21.63 -21.77
C THR B 50 10.88 21.58 -23.21
N GLY B 51 12.12 21.15 -23.36
CA GLY B 51 12.72 21.03 -24.67
C GLY B 51 12.86 22.34 -25.40
N THR B 52 13.17 23.41 -24.67
CA THR B 52 13.31 24.71 -25.32
C THR B 52 14.65 24.85 -26.01
N ALA B 53 15.59 23.95 -25.76
CA ALA B 53 16.85 23.97 -26.49
C ALA B 53 16.63 23.57 -27.95
N ARG B 54 15.87 22.50 -28.18
CA ARG B 54 15.60 22.08 -29.54
C ARG B 54 14.45 22.85 -30.16
N GLY B 55 13.92 23.85 -29.45
CA GLY B 55 12.93 24.73 -30.02
C GLY B 55 11.48 24.39 -29.76
N ASP B 56 11.20 23.46 -28.86
CA ASP B 56 9.80 23.12 -28.60
C ASP B 56 9.09 24.32 -27.97
N ASP B 57 7.86 24.55 -28.41
CA ASP B 57 7.08 25.69 -27.96
C ASP B 57 5.63 25.47 -28.34
N ASP B 58 4.86 24.85 -27.46
CA ASP B 58 3.53 24.40 -27.83
C ASP B 58 2.57 25.58 -28.01
N LEU B 59 2.70 26.62 -27.17
CA LEU B 59 1.84 27.79 -27.29
C LEU B 59 2.08 28.52 -28.61
N ALA B 60 3.33 28.54 -29.12
CA ALA B 60 3.55 29.18 -30.41
C ALA B 60 2.98 28.34 -31.54
N GLU B 61 3.04 27.02 -31.40
CA GLU B 61 2.32 26.12 -32.28
C GLU B 61 0.84 26.48 -32.34
N VAL B 62 0.24 26.72 -31.17
CA VAL B 62 -1.18 27.08 -31.11
C VAL B 62 -1.41 28.50 -31.65
N GLY B 63 -0.53 29.44 -31.34
CA GLY B 63 -0.67 30.77 -31.92
C GLY B 63 -0.70 30.72 -33.43
N ARG B 64 0.26 30.03 -34.02
CA ARG B 64 0.35 29.94 -35.47
C ARG B 64 -0.87 29.24 -36.04
N LEU B 65 -1.11 28.00 -35.63
CA LEU B 65 -2.13 27.17 -36.26
C LEU B 65 -3.52 27.76 -36.06
N ALA B 66 -3.80 28.27 -34.88
CA ALA B 66 -5.16 28.61 -34.50
C ALA B 66 -5.44 30.09 -34.42
N GLY B 67 -4.43 30.93 -34.21
CA GLY B 67 -4.64 32.36 -34.07
C GLY B 67 -4.92 32.84 -32.67
N VAL B 68 -4.79 31.99 -31.66
CA VAL B 68 -4.97 32.43 -30.28
C VAL B 68 -3.86 33.41 -29.93
N THR B 69 -4.23 34.49 -29.23
CA THR B 69 -3.24 35.38 -28.66
C THR B 69 -3.15 35.28 -27.14
N GLN B 70 -4.24 34.95 -26.45
CA GLN B 70 -4.13 34.69 -25.01
C GLN B 70 -3.44 33.35 -24.79
N LEU B 71 -2.13 33.41 -24.54
CA LEU B 71 -1.24 32.27 -24.54
C LEU B 71 -0.32 32.42 -23.33
N ALA B 72 -0.54 31.61 -22.28
CA ALA B 72 0.06 31.81 -20.96
C ALA B 72 0.95 30.64 -20.56
N GLY B 73 2.16 30.96 -20.10
CA GLY B 73 3.06 29.98 -19.54
C GLY B 73 3.83 30.55 -18.36
N LEU B 74 4.38 29.65 -17.53
CA LEU B 74 5.06 30.05 -16.30
C LEU B 74 6.51 29.66 -16.22
N ALA B 75 6.95 28.65 -16.97
CA ALA B 75 8.29 28.13 -16.83
C ALA B 75 8.64 27.41 -18.10
N ARG B 76 9.90 27.53 -18.50
CA ARG B 76 10.46 26.92 -19.70
C ARG B 76 11.81 26.31 -19.34
N TYR B 77 12.01 25.06 -19.75
CA TYR B 77 13.27 24.40 -19.44
C TYR B 77 13.96 23.90 -20.70
N PRO B 78 15.29 24.02 -20.75
CA PRO B 78 16.00 23.65 -21.99
C PRO B 78 15.93 22.19 -22.35
N GLN B 79 16.01 21.27 -21.37
CA GLN B 79 16.22 19.88 -21.73
C GLN B 79 14.91 19.21 -22.16
N PRO B 80 14.95 18.32 -23.16
CA PRO B 80 13.77 17.54 -23.61
C PRO B 80 13.49 16.37 -22.69
N MET B 81 13.04 16.68 -21.49
CA MET B 81 12.74 15.68 -20.49
C MET B 81 11.38 16.03 -19.90
N ALA B 82 10.87 15.11 -19.07
CA ALA B 82 9.73 15.47 -18.24
C ALA B 82 10.10 16.70 -17.39
N PRO B 83 9.13 17.55 -17.06
CA PRO B 83 9.39 18.75 -16.25
C PRO B 83 10.29 18.53 -15.02
N ALA B 84 9.97 17.53 -14.19
CA ALA B 84 10.76 17.28 -12.99
C ALA B 84 12.21 16.99 -13.32
N ALA B 85 12.47 16.10 -14.27
CA ALA B 85 13.86 15.77 -14.57
C ALA B 85 14.56 16.93 -15.25
N ALA B 86 13.82 17.70 -16.08
CA ALA B 86 14.36 18.91 -16.70
C ALA B 86 14.65 19.97 -15.66
N ALA B 87 13.78 20.11 -14.66
CA ALA B 87 14.03 21.04 -13.58
C ALA B 87 15.29 20.65 -12.81
N GLU B 88 15.44 19.35 -12.54
CA GLU B 88 16.61 18.84 -11.82
C GLU B 88 17.89 18.99 -12.63
N HIS B 89 17.83 18.72 -13.93
CA HIS B 89 19.00 18.96 -14.76
C HIS B 89 19.44 20.42 -14.68
N ALA B 90 18.49 21.34 -14.57
CA ALA B 90 18.79 22.77 -14.61
C ALA B 90 19.08 23.35 -13.23
N GLY B 91 19.13 22.53 -12.18
CA GLY B 91 19.37 23.03 -10.84
C GLY B 91 18.27 23.88 -10.24
N MET B 92 17.13 24.01 -10.89
CA MET B 92 16.04 24.87 -10.45
C MET B 92 14.75 24.08 -10.31
N ALA B 93 13.83 24.60 -9.51
CA ALA B 93 12.58 23.91 -9.20
C ALA B 93 11.50 24.15 -10.26
N LEU B 94 10.49 23.29 -10.21
CA LEU B 94 9.27 23.50 -10.95
C LEU B 94 8.48 24.62 -10.28
N PRO B 95 7.58 25.30 -11.01
CA PRO B 95 6.71 26.29 -10.36
C PRO B 95 5.93 25.66 -9.23
N ALA B 96 5.15 26.44 -8.50
CA ALA B 96 4.35 25.92 -7.41
C ALA B 96 2.91 25.75 -7.84
N ARG B 97 2.20 24.90 -7.11
CA ARG B 97 0.81 24.62 -7.40
C ARG B 97 -0.04 25.88 -7.41
N ASP B 98 0.13 26.73 -6.40
CA ASP B 98 -0.67 27.94 -6.32
C ASP B 98 -0.51 28.80 -7.57
N GLN B 99 0.72 28.89 -8.10
CA GLN B 99 0.93 29.70 -9.29
C GLN B 99 0.14 29.16 -10.47
N ILE B 100 0.22 27.86 -10.69
CA ILE B 100 -0.41 27.27 -11.87
C ILE B 100 -1.91 27.40 -11.79
N VAL B 101 -2.49 27.13 -10.61
CA VAL B 101 -3.94 27.19 -10.48
C VAL B 101 -4.43 28.61 -10.61
N ARG B 102 -3.73 29.57 -9.97
CA ARG B 102 -4.14 30.97 -10.06
C ARG B 102 -3.95 31.53 -11.45
N LEU B 103 -2.86 31.15 -12.14
CA LEU B 103 -2.71 31.59 -13.52
C LEU B 103 -3.93 31.18 -14.34
N ILE B 104 -4.43 29.97 -14.11
CA ILE B 104 -5.53 29.43 -14.92
C ILE B 104 -6.83 30.12 -14.57
N ALA B 105 -7.12 30.29 -13.27
CA ALA B 105 -8.35 30.99 -12.89
C ALA B 105 -8.32 32.45 -13.32
N ASP B 106 -7.15 33.10 -13.27
CA ASP B 106 -7.07 34.47 -13.78
C ASP B 106 -7.30 34.53 -15.28
N LEU B 107 -6.96 33.45 -16.01
CA LEU B 107 -7.32 33.35 -17.42
C LEU B 107 -8.83 33.16 -17.59
N ASP B 108 -9.43 32.38 -16.70
CA ASP B 108 -10.83 32.02 -16.88
C ASP B 108 -11.71 33.26 -16.70
N ARG B 109 -12.56 33.49 -17.69
CA ARG B 109 -13.57 34.53 -17.66
C ARG B 109 -14.82 33.99 -18.37
N PRO B 110 -15.98 34.62 -18.12
CA PRO B 110 -17.19 34.20 -18.84
C PRO B 110 -17.05 34.41 -20.34
N GLY B 111 -17.77 33.58 -21.09
CA GLY B 111 -17.68 33.61 -22.54
C GLY B 111 -16.43 32.99 -23.12
N ARG B 112 -15.45 32.63 -22.30
CA ARG B 112 -14.15 32.19 -22.76
C ARG B 112 -13.97 30.68 -22.57
N LEU B 113 -13.50 30.01 -23.62
CA LEU B 113 -12.97 28.66 -23.46
C LEU B 113 -11.49 28.76 -23.14
N THR B 114 -11.10 28.21 -21.99
CA THR B 114 -9.72 28.15 -21.58
C THR B 114 -9.24 26.70 -21.61
N LEU B 115 -8.23 26.42 -22.42
CA LEU B 115 -7.64 25.10 -22.56
C LEU B 115 -6.29 25.09 -21.86
N VAL B 116 -6.03 24.02 -21.09
CA VAL B 116 -4.79 23.85 -20.36
C VAL B 116 -4.07 22.61 -20.89
N GLU B 117 -2.83 22.78 -21.31
CA GLU B 117 -2.01 21.63 -21.69
C GLU B 117 -0.92 21.44 -20.64
N GLY B 118 -0.86 20.22 -20.07
CA GLY B 118 0.20 19.87 -19.15
C GLY B 118 1.48 19.48 -19.86
N ALA B 119 2.02 18.32 -19.50
CA ALA B 119 3.14 17.73 -20.21
C ALA B 119 2.96 16.21 -20.16
N GLY B 120 2.99 15.58 -21.34
CA GLY B 120 2.81 14.15 -21.43
C GLY B 120 1.52 13.68 -20.80
N GLY B 121 1.60 12.54 -20.11
CA GLY B 121 0.42 11.91 -19.52
C GLY B 121 -0.14 12.65 -18.31
N LEU B 122 -1.32 12.19 -17.90
CA LEU B 122 -2.07 12.84 -16.83
C LEU B 122 -1.30 12.94 -15.52
N LEU B 123 -0.43 11.97 -15.21
CA LEU B 123 0.17 11.89 -13.89
C LEU B 123 1.62 12.36 -13.85
N VAL B 124 2.16 12.94 -14.94
CA VAL B 124 3.54 13.40 -14.87
C VAL B 124 3.60 14.63 -13.97
N GLU B 125 4.70 14.76 -13.24
CA GLU B 125 4.83 15.83 -12.26
C GLU B 125 4.91 17.17 -12.99
N LEU B 126 4.06 18.10 -12.61
CA LEU B 126 3.96 19.38 -13.29
C LEU B 126 4.37 20.56 -12.42
N ALA B 127 4.12 20.49 -11.11
CA ALA B 127 4.57 21.49 -10.16
C ALA B 127 5.09 20.81 -8.89
N GLU B 128 5.69 21.60 -8.03
CA GLU B 128 6.33 21.25 -6.77
C GLU B 128 5.30 21.23 -5.66
N PRO B 129 5.27 20.18 -4.83
CA PRO B 129 6.03 18.93 -4.98
C PRO B 129 5.18 17.75 -5.49
N GLY B 130 5.55 17.17 -6.63
CA GLY B 130 4.80 16.04 -7.17
C GLY B 130 3.33 16.30 -7.45
N VAL B 131 2.98 17.47 -7.99
CA VAL B 131 1.58 17.73 -8.32
C VAL B 131 1.39 17.61 -9.82
N THR B 132 0.19 17.21 -10.22
CA THR B 132 -0.10 16.79 -11.58
C THR B 132 -1.18 17.67 -12.19
N LEU B 133 -1.37 17.48 -13.50
CA LEU B 133 -2.47 18.14 -14.18
C LEU B 133 -3.79 17.71 -13.60
N ARG B 134 -3.87 16.48 -13.07
CA ARG B 134 -5.11 16.05 -12.41
C ARG B 134 -5.41 16.93 -11.20
N ASP B 135 -4.41 17.16 -10.34
CA ASP B 135 -4.62 18.03 -9.18
C ASP B 135 -5.02 19.42 -9.63
N VAL B 136 -4.35 19.96 -10.66
CA VAL B 136 -4.71 21.26 -11.22
C VAL B 136 -6.16 21.25 -11.69
N ALA B 137 -6.55 20.20 -12.41
CA ALA B 137 -7.93 20.12 -12.89
C ALA B 137 -8.92 20.10 -11.72
N VAL B 138 -8.58 19.38 -10.65
CA VAL B 138 -9.42 19.41 -9.45
C VAL B 138 -9.57 20.83 -8.94
N ASP B 139 -8.44 21.51 -8.71
CA ASP B 139 -8.48 22.81 -8.04
C ASP B 139 -9.27 23.85 -8.85
N VAL B 140 -9.16 23.83 -10.19
CA VAL B 140 -9.90 24.78 -10.99
C VAL B 140 -11.25 24.26 -11.45
N ALA B 141 -11.67 23.06 -11.01
CA ALA B 141 -12.94 22.46 -11.42
C ALA B 141 -13.03 22.36 -12.94
N ALA B 142 -11.96 21.86 -13.55
CA ALA B 142 -11.92 21.64 -14.98
C ALA B 142 -12.40 20.24 -15.36
N ALA B 143 -13.03 20.15 -16.53
CA ALA B 143 -13.18 18.85 -17.19
C ALA B 143 -11.92 18.51 -17.96
N ALA B 144 -11.84 17.27 -18.42
CA ALA B 144 -10.68 16.77 -19.14
C ALA B 144 -11.11 16.29 -20.52
N LEU B 145 -10.44 16.80 -21.54
CA LEU B 145 -10.45 16.21 -22.87
C LEU B 145 -9.26 15.28 -22.97
N VAL B 146 -9.48 14.08 -23.48
CA VAL B 146 -8.42 13.07 -23.45
C VAL B 146 -8.01 12.77 -24.89
N VAL B 147 -6.78 13.11 -25.23
CA VAL B 147 -6.27 12.87 -26.57
C VAL B 147 -5.68 11.47 -26.62
N VAL B 148 -6.03 10.71 -27.66
CA VAL B 148 -5.63 9.32 -27.78
C VAL B 148 -5.08 9.03 -29.16
N THR B 149 -4.41 7.91 -29.27
CA THR B 149 -4.01 7.33 -30.55
C THR B 149 -5.03 6.28 -30.95
N ALA B 150 -4.87 5.79 -32.18
CA ALA B 150 -5.57 4.62 -32.65
C ALA B 150 -4.65 3.41 -32.77
N ASP B 151 -3.46 3.48 -32.20
CA ASP B 151 -2.47 2.40 -32.30
C ASP B 151 -2.65 1.38 -31.19
N LEU B 152 -2.27 0.14 -31.50
CA LEU B 152 -2.32 -0.95 -30.54
C LEU B 152 -1.86 -0.46 -29.17
N GLY B 153 -2.64 -0.80 -28.16
CA GLY B 153 -2.38 -0.36 -26.81
C GLY B 153 -3.21 0.83 -26.37
N THR B 154 -3.92 1.50 -27.28
CA THR B 154 -4.63 2.73 -26.89
C THR B 154 -5.80 2.43 -25.94
N LEU B 155 -6.41 1.25 -26.02
CA LEU B 155 -7.56 0.98 -25.17
C LEU B 155 -7.15 0.83 -23.71
N ASN B 156 -6.04 0.15 -23.47
CA ASN B 156 -5.51 0.06 -22.11
C ASN B 156 -5.17 1.45 -21.57
N HIS B 157 -4.36 2.20 -22.32
CA HIS B 157 -3.95 3.54 -21.88
C HIS B 157 -5.15 4.47 -21.74
N THR B 158 -6.16 4.33 -22.60
CA THR B 158 -7.34 5.18 -22.46
C THR B 158 -8.15 4.82 -21.22
N LYS B 159 -8.46 3.53 -21.05
CA LYS B 159 -9.24 3.12 -19.89
C LYS B 159 -8.54 3.52 -18.59
N LEU B 160 -7.19 3.44 -18.57
CA LEU B 160 -6.42 3.83 -17.39
C LEU B 160 -6.55 5.32 -17.10
N THR B 161 -6.55 6.16 -18.14
CA THR B 161 -6.59 7.59 -17.91
C THR B 161 -7.96 8.02 -17.45
N LEU B 162 -9.01 7.45 -18.06
CA LEU B 162 -10.38 7.75 -17.66
C LEU B 162 -10.64 7.28 -16.23
N GLU B 163 -10.14 6.10 -15.87
CA GLU B 163 -10.29 5.64 -14.50
C GLU B 163 -9.63 6.61 -13.52
N ALA B 164 -8.44 7.12 -13.86
CA ALA B 164 -7.74 8.01 -12.93
C ALA B 164 -8.44 9.35 -12.84
N LEU B 165 -9.03 9.81 -13.95
CA LEU B 165 -9.86 11.01 -13.89
C LEU B 165 -11.06 10.81 -12.97
N ALA B 166 -11.84 9.75 -13.21
CA ALA B 166 -13.04 9.51 -12.41
C ALA B 166 -12.71 9.35 -10.93
N ALA B 167 -11.53 8.80 -10.61
CA ALA B 167 -11.16 8.60 -9.22
C ALA B 167 -11.04 9.90 -8.46
N GLN B 168 -10.81 11.02 -9.15
CA GLN B 168 -10.75 12.32 -8.51
C GLN B 168 -11.89 13.24 -8.93
N GLN B 169 -12.97 12.66 -9.46
CA GLN B 169 -14.18 13.39 -9.80
C GLN B 169 -13.98 14.40 -10.91
N VAL B 170 -12.93 14.23 -11.72
CA VAL B 170 -12.72 15.10 -12.88
C VAL B 170 -13.52 14.56 -14.06
N SER B 171 -14.49 15.35 -14.51
CA SER B 171 -15.38 14.93 -15.58
C SER B 171 -14.64 14.78 -16.91
N CYS B 172 -15.12 13.83 -17.72
CA CYS B 172 -14.53 13.52 -19.01
C CYS B 172 -15.28 14.28 -20.10
N ALA B 173 -14.59 15.20 -20.77
CA ALA B 173 -15.23 15.93 -21.85
C ALA B 173 -15.29 15.14 -23.15
N GLY B 174 -14.67 13.98 -23.19
CA GLY B 174 -14.60 13.18 -24.40
C GLY B 174 -13.17 12.83 -24.77
N LEU B 175 -13.06 12.11 -25.87
CA LEU B 175 -11.78 11.72 -26.44
C LEU B 175 -11.60 12.42 -27.77
N VAL B 176 -10.33 12.68 -28.11
CA VAL B 176 -9.96 13.07 -29.47
C VAL B 176 -8.81 12.17 -29.90
N ILE B 177 -8.88 11.67 -31.13
CA ILE B 177 -7.77 10.94 -31.71
C ILE B 177 -6.78 11.94 -32.30
N GLY B 178 -5.56 11.97 -31.76
CA GLY B 178 -4.60 12.98 -32.15
C GLY B 178 -4.11 12.89 -33.59
N SER B 179 -4.11 11.68 -34.16
CA SER B 179 -3.65 11.47 -35.52
C SER B 179 -4.39 10.28 -36.11
N TRP B 180 -5.26 10.55 -37.10
CA TRP B 180 -6.06 9.52 -37.77
C TRP B 180 -5.35 9.12 -39.06
N PRO B 181 -5.00 7.86 -39.24
CA PRO B 181 -4.06 7.48 -40.30
C PRO B 181 -4.71 7.37 -41.67
N ASP B 182 -3.88 7.49 -42.70
CA ASP B 182 -4.33 7.27 -44.06
C ASP B 182 -3.47 6.21 -44.72
N PRO B 183 -4.05 5.08 -45.18
CA PRO B 183 -5.44 4.77 -44.85
C PRO B 183 -5.48 4.03 -43.50
N PRO B 184 -6.64 3.99 -42.80
CA PRO B 184 -6.67 3.43 -41.43
C PRO B 184 -5.84 2.16 -41.24
N GLY B 185 -6.36 1.02 -41.67
CA GLY B 185 -5.85 -0.24 -41.21
C GLY B 185 -6.80 -0.91 -40.23
N LEU B 186 -6.66 -2.22 -40.08
CA LEU B 186 -7.65 -2.93 -39.28
C LEU B 186 -7.52 -2.56 -37.80
N VAL B 187 -6.29 -2.37 -37.32
CA VAL B 187 -6.09 -2.06 -35.90
C VAL B 187 -6.63 -0.67 -35.57
N ALA B 188 -6.29 0.32 -36.41
CA ALA B 188 -6.77 1.69 -36.19
C ALA B 188 -8.28 1.77 -36.40
N ALA B 189 -8.81 1.11 -37.43
CA ALA B 189 -10.25 1.11 -37.62
C ALA B 189 -10.97 0.40 -36.47
N SER B 190 -10.46 -0.77 -36.06
CA SER B 190 -11.06 -1.46 -34.92
C SER B 190 -10.96 -0.64 -33.64
N ASN B 191 -9.78 -0.04 -33.40
CA ASN B 191 -9.58 0.74 -32.20
C ASN B 191 -10.51 1.93 -32.12
N ARG B 192 -10.91 2.50 -33.27
CA ARG B 192 -11.81 3.65 -33.23
C ARG B 192 -13.22 3.24 -32.81
N SER B 193 -13.71 2.09 -33.30
CA SER B 193 -15.02 1.62 -32.88
C SER B 193 -15.04 1.24 -31.40
N ALA B 194 -13.93 0.67 -30.91
CA ALA B 194 -13.88 0.31 -29.50
C ALA B 194 -13.81 1.57 -28.62
N LEU B 195 -13.08 2.59 -29.08
CA LEU B 195 -13.00 3.83 -28.32
C LEU B 195 -14.36 4.52 -28.24
N ALA B 196 -15.09 4.54 -29.35
CA ALA B 196 -16.45 5.08 -29.30
C ALA B 196 -17.31 4.34 -28.28
N ARG B 197 -17.05 3.06 -28.03
CA ARG B 197 -17.83 2.36 -27.01
C ARG B 197 -17.46 2.80 -25.59
N ILE B 198 -16.24 3.29 -25.37
CA ILE B 198 -15.90 3.69 -24.02
C ILE B 198 -16.10 5.18 -23.73
N ALA B 199 -16.23 6.03 -24.76
CA ALA B 199 -16.54 7.45 -24.56
C ALA B 199 -16.74 8.11 -25.93
N MET B 200 -17.29 9.32 -25.92
CA MET B 200 -17.52 10.05 -27.15
C MET B 200 -16.20 10.41 -27.82
N VAL B 201 -16.14 10.21 -29.14
CA VAL B 201 -14.99 10.61 -29.94
C VAL B 201 -15.35 11.94 -30.59
N ARG B 202 -14.79 13.03 -30.03
CA ARG B 202 -15.17 14.38 -30.43
C ARG B 202 -14.64 14.72 -31.82
N ALA B 203 -13.50 14.13 -32.18
CA ALA B 203 -12.85 14.35 -33.46
C ALA B 203 -11.72 13.35 -33.59
N ALA B 204 -11.26 13.17 -34.83
CA ALA B 204 -10.06 12.41 -35.15
C ALA B 204 -9.31 13.23 -36.19
N LEU B 205 -8.19 13.81 -35.79
CA LEU B 205 -7.52 14.77 -36.67
C LEU B 205 -6.73 14.02 -37.73
N PRO B 206 -6.85 14.41 -39.00
CA PRO B 206 -6.05 13.75 -40.04
C PRO B 206 -4.57 13.85 -39.74
N ALA B 207 -3.84 12.80 -40.11
CA ALA B 207 -2.41 12.77 -39.86
C ALA B 207 -1.70 13.85 -40.66
N GLY B 208 -0.72 14.50 -40.03
CA GLY B 208 -0.02 15.59 -40.67
C GLY B 208 -0.70 16.94 -40.57
N ALA B 209 -1.82 17.03 -39.86
CA ALA B 209 -2.51 18.30 -39.70
C ALA B 209 -1.64 19.35 -39.01
N ALA B 210 -0.67 18.92 -38.21
CA ALA B 210 0.17 19.89 -37.51
C ALA B 210 0.98 20.76 -38.47
N SER B 211 1.06 20.40 -39.74
CA SER B 211 1.91 21.07 -40.70
C SER B 211 1.15 22.00 -41.63
N LEU B 212 -0.16 22.07 -41.51
CA LEU B 212 -0.98 22.88 -42.41
C LEU B 212 -0.81 24.38 -42.12
N ASP B 213 -0.99 25.20 -43.16
CA ASP B 213 -1.02 26.63 -42.92
C ASP B 213 -2.30 27.00 -42.20
N ALA B 214 -2.29 28.18 -41.57
CA ALA B 214 -3.34 28.51 -40.61
C ALA B 214 -4.73 28.47 -41.24
N GLY B 215 -4.83 28.82 -42.52
CA GLY B 215 -6.13 28.80 -43.18
C GLY B 215 -6.61 27.39 -43.49
N ASP B 216 -5.69 26.52 -43.94
CA ASP B 216 -6.00 25.09 -44.08
C ASP B 216 -6.36 24.47 -42.73
N PHE B 217 -5.54 24.73 -41.72
CA PHE B 217 -5.81 24.19 -40.39
C PHE B 217 -7.20 24.59 -39.91
N ALA B 218 -7.59 25.84 -40.12
CA ALA B 218 -8.89 26.29 -39.60
C ALA B 218 -10.03 25.62 -40.35
N ALA B 219 -9.81 25.30 -41.63
CA ALA B 219 -10.82 24.58 -42.41
C ALA B 219 -10.98 23.17 -41.88
N MET B 220 -9.87 22.45 -41.75
CA MET B 220 -9.88 21.13 -41.14
C MET B 220 -10.56 21.15 -39.77
N SER B 221 -10.17 22.11 -38.92
CA SER B 221 -10.66 22.12 -37.54
C SER B 221 -12.17 22.31 -37.50
N ALA B 222 -12.68 23.23 -38.31
CA ALA B 222 -14.12 23.42 -38.39
C ALA B 222 -14.83 22.14 -38.80
N ALA B 223 -14.28 21.42 -39.78
CA ALA B 223 -14.88 20.17 -40.22
C ALA B 223 -14.74 19.06 -39.17
N ALA B 224 -13.65 19.06 -38.39
CA ALA B 224 -13.31 17.92 -37.52
C ALA B 224 -14.19 17.78 -36.28
N PHE B 225 -14.81 18.85 -35.80
CA PHE B 225 -15.61 18.80 -34.59
C PHE B 225 -17.07 19.06 -34.91
N ASP B 226 -17.93 18.62 -34.02
CA ASP B 226 -19.37 18.84 -34.20
C ASP B 226 -19.76 20.24 -33.75
N ARG B 227 -20.48 20.93 -34.63
CA ARG B 227 -20.80 22.34 -34.43
C ARG B 227 -21.51 22.58 -33.10
N ASN B 228 -22.54 21.80 -32.81
CA ASN B 228 -23.31 22.00 -31.58
C ASN B 228 -22.48 21.71 -30.34
N TRP B 229 -21.64 20.67 -30.39
CA TRP B 229 -20.83 20.35 -29.21
C TRP B 229 -19.89 21.50 -28.88
N VAL B 230 -19.17 21.99 -29.90
CA VAL B 230 -18.22 23.09 -29.69
C VAL B 230 -18.94 24.31 -29.14
N ALA B 231 -20.06 24.70 -29.77
CA ALA B 231 -20.86 25.80 -29.25
C ALA B 231 -21.20 25.60 -27.78
N GLY B 232 -21.70 24.41 -27.44
CA GLY B 232 -22.17 24.13 -26.10
C GLY B 232 -21.12 24.14 -25.03
N LEU B 233 -19.85 24.31 -25.39
CA LEU B 233 -18.78 24.28 -24.39
C LEU B 233 -18.83 25.51 -23.49
N VAL B 234 -19.28 26.65 -24.03
CA VAL B 234 -19.44 27.88 -23.26
C VAL B 234 -20.90 28.32 -23.32
N HIS C 8 25.66 5.54 0.19
CA HIS C 8 24.52 6.12 -0.52
C HIS C 8 23.73 7.08 0.39
N GLY C 9 24.45 7.94 1.11
CA GLY C 9 23.85 8.93 1.99
C GLY C 9 24.45 8.95 3.39
N GLY C 10 23.65 9.32 4.38
CA GLY C 10 24.10 9.27 5.76
C GLY C 10 23.48 8.10 6.52
N THR C 11 22.69 8.40 7.54
CA THR C 11 21.96 7.37 8.28
C THR C 11 20.53 7.85 8.50
N ILE C 12 19.58 7.13 7.89
CA ILE C 12 18.16 7.32 8.13
C ILE C 12 17.72 6.29 9.16
N LEU C 13 16.90 6.71 10.12
CA LEU C 13 16.53 5.85 11.25
C LEU C 13 15.08 6.13 11.60
N VAL C 14 14.18 5.22 11.23
CA VAL C 14 12.78 5.42 11.59
C VAL C 14 12.61 5.08 13.08
N VAL C 15 11.95 5.97 13.79
CA VAL C 15 11.63 5.80 15.20
C VAL C 15 10.14 5.49 15.26
N THR C 16 9.83 4.26 15.62
CA THR C 16 8.46 3.79 15.73
C THR C 16 8.21 3.39 17.19
N GLY C 17 7.06 2.77 17.44
CA GLY C 17 6.74 2.33 18.78
C GLY C 17 5.69 1.24 18.78
N THR C 18 5.42 0.72 19.96
CA THR C 18 4.41 -0.30 20.16
C THR C 18 2.99 0.27 20.12
N GLY C 19 2.86 1.57 19.91
CA GLY C 19 1.57 2.23 20.01
C GLY C 19 1.77 3.74 20.09
N THR C 20 0.68 4.44 20.31
CA THR C 20 0.82 5.87 20.48
C THR C 20 1.13 6.19 21.94
N GLY C 21 1.68 7.38 22.15
CA GLY C 21 1.99 7.83 23.50
C GLY C 21 2.97 6.96 24.24
N VAL C 22 3.89 6.30 23.51
CA VAL C 22 4.95 5.54 24.17
C VAL C 22 6.20 6.39 24.41
N GLY C 23 6.28 7.56 23.84
CA GLY C 23 7.44 8.40 24.00
C GLY C 23 8.35 8.47 22.80
N LYS C 24 7.84 8.24 21.59
CA LYS C 24 8.66 8.34 20.40
C LYS C 24 9.31 9.72 20.29
N THR C 25 8.51 10.78 20.46
CA THR C 25 9.04 12.13 20.31
C THR C 25 10.16 12.41 21.31
N VAL C 26 9.94 12.08 22.59
CA VAL C 26 10.96 12.36 23.58
C VAL C 26 12.21 11.53 23.29
N VAL C 27 12.05 10.34 22.71
CA VAL C 27 13.21 9.54 22.35
C VAL C 27 13.92 10.12 21.13
N CYS C 28 13.16 10.66 20.16
CA CYS C 28 13.77 11.39 19.05
C CYS C 28 14.63 12.54 19.58
N ALA C 29 14.10 13.32 20.54
CA ALA C 29 14.83 14.44 21.10
C ALA C 29 16.05 13.97 21.89
N ALA C 30 15.87 12.94 22.73
CA ALA C 30 16.99 12.46 23.53
C ALA C 30 18.11 11.91 22.66
N LEU C 31 17.77 11.27 21.53
CA LEU C 31 18.80 10.76 20.63
C LEU C 31 19.51 11.88 19.89
N ALA C 32 18.73 12.80 19.31
CA ALA C 32 19.32 13.93 18.60
C ALA C 32 20.26 14.71 19.50
N SER C 33 19.84 14.94 20.75
CA SER C 33 20.69 15.63 21.72
C SER C 33 21.94 14.83 22.04
N ALA C 34 21.81 13.51 22.13
CA ALA C 34 22.99 12.69 22.40
C ALA C 34 23.95 12.71 21.22
N ALA C 35 23.43 12.93 20.02
CA ALA C 35 24.26 12.99 18.83
C ALA C 35 24.73 14.41 18.50
N ARG C 36 23.95 15.43 18.86
CA ARG C 36 24.43 16.80 18.73
C ARG C 36 25.63 17.03 19.66
N GLN C 37 25.57 16.50 20.88
CA GLN C 37 26.70 16.62 21.80
C GLN C 37 27.86 15.73 21.43
N ALA C 38 27.62 14.63 20.70
CA ALA C 38 28.69 13.81 20.17
C ALA C 38 29.20 14.31 18.82
N GLY C 39 28.96 15.58 18.51
CA GLY C 39 29.43 16.17 17.28
C GLY C 39 28.91 15.49 16.03
N ILE C 40 27.60 15.28 15.95
CA ILE C 40 26.95 14.70 14.77
C ILE C 40 25.85 15.64 14.32
N ASP C 41 25.73 15.81 13.01
CA ASP C 41 24.62 16.54 12.41
C ASP C 41 23.36 15.69 12.44
N VAL C 42 22.23 16.28 12.85
CA VAL C 42 20.99 15.55 13.07
C VAL C 42 19.82 16.30 12.45
N ALA C 43 19.03 15.62 11.63
CA ALA C 43 17.72 16.11 11.23
C ALA C 43 16.63 15.27 11.88
N VAL C 44 15.44 15.85 12.00
CA VAL C 44 14.28 15.15 12.51
C VAL C 44 13.09 15.46 11.61
N CYS C 45 12.34 14.42 11.27
CA CYS C 45 11.28 14.48 10.29
C CYS C 45 10.04 13.80 10.88
N LYS C 46 8.89 14.41 10.67
CA LYS C 46 7.60 13.86 11.10
C LYS C 46 6.65 14.02 9.93
N PRO C 47 6.61 13.04 9.02
CA PRO C 47 5.79 13.18 7.80
C PRO C 47 4.31 13.36 8.05
N VAL C 48 3.76 12.76 9.11
CA VAL C 48 2.32 12.78 9.35
C VAL C 48 2.09 13.10 10.83
N GLN C 49 1.43 14.23 11.08
CA GLN C 49 1.15 14.70 12.43
C GLN C 49 -0.36 14.90 12.59
N THR C 50 -0.94 14.26 13.61
CA THR C 50 -2.34 14.42 14.01
C THR C 50 -2.43 15.14 15.34
N GLY C 51 -3.65 15.34 15.82
CA GLY C 51 -3.86 15.91 17.14
C GLY C 51 -3.49 17.37 17.33
N THR C 52 -3.44 18.19 16.26
CA THR C 52 -3.13 19.61 16.48
C THR C 52 -4.22 20.31 17.29
N ALA C 53 -5.48 19.92 17.06
CA ALA C 53 -6.60 20.47 17.84
C ALA C 53 -6.38 20.34 19.34
N ARG C 54 -5.48 19.46 19.77
CA ARG C 54 -5.06 19.26 21.15
C ARG C 54 -3.83 20.08 21.52
N GLY C 55 -3.17 20.71 20.55
CA GLY C 55 -1.90 21.36 20.76
C GLY C 55 -0.69 20.53 20.36
N ASP C 56 -0.91 19.35 19.77
CA ASP C 56 0.20 18.47 19.42
C ASP C 56 1.08 19.10 18.35
N ASP C 57 2.39 19.05 18.56
CA ASP C 57 3.33 19.33 17.48
C ASP C 57 4.64 18.65 17.86
N ASP C 58 4.87 17.46 17.30
CA ASP C 58 6.01 16.64 17.68
C ASP C 58 7.33 17.27 17.25
N LEU C 59 7.37 17.87 16.04
CA LEU C 59 8.57 18.59 15.60
C LEU C 59 8.89 19.74 16.56
N ALA C 60 7.88 20.52 16.93
CA ALA C 60 8.08 21.64 17.85
C ALA C 60 8.64 21.17 19.18
N GLU C 61 8.11 20.06 19.72
CA GLU C 61 8.59 19.55 21.01
C GLU C 61 10.05 19.10 20.96
N VAL C 62 10.49 18.50 19.85
CA VAL C 62 11.90 18.14 19.70
C VAL C 62 12.77 19.39 19.61
N GLY C 63 12.34 20.36 18.81
CA GLY C 63 13.03 21.64 18.78
C GLY C 63 13.21 22.23 20.16
N ARG C 64 12.12 22.31 20.93
CA ARG C 64 12.18 22.88 22.27
C ARG C 64 13.04 22.04 23.20
N LEU C 65 12.94 20.71 23.11
CA LEU C 65 13.65 19.85 24.06
C LEU C 65 15.12 19.68 23.70
N ALA C 66 15.43 19.55 22.41
CA ALA C 66 16.79 19.23 22.00
C ALA C 66 17.55 20.43 21.44
N GLY C 67 16.84 21.36 20.79
CA GLY C 67 17.47 22.46 20.09
C GLY C 67 17.56 22.27 18.59
N VAL C 68 17.01 21.18 18.06
CA VAL C 68 17.16 20.82 16.66
C VAL C 68 16.45 21.84 15.78
N THR C 69 17.21 22.54 14.94
CA THR C 69 16.64 23.49 14.00
C THR C 69 16.27 22.83 12.69
N GLN C 70 16.83 21.67 12.40
CA GLN C 70 16.57 20.95 11.15
C GLN C 70 15.39 20.01 11.37
N LEU C 71 14.19 20.59 11.24
CA LEU C 71 12.92 19.92 11.47
C LEU C 71 12.13 19.97 10.17
N ALA C 72 11.52 18.84 9.79
CA ALA C 72 10.81 18.77 8.53
C ALA C 72 9.48 18.04 8.69
N GLY C 73 8.41 18.64 8.17
CA GLY C 73 7.07 18.11 8.29
C GLY C 73 6.43 17.99 6.92
N LEU C 74 5.15 17.65 6.93
CA LEU C 74 4.42 17.49 5.68
C LEU C 74 2.92 17.57 5.91
N ALA C 75 2.31 16.49 6.36
CA ALA C 75 0.87 16.44 6.55
C ALA C 75 0.54 16.72 8.01
N ARG C 76 -0.57 17.42 8.24
CA ARG C 76 -1.03 17.77 9.57
C ARG C 76 -2.56 17.73 9.60
N TYR C 77 -3.11 17.31 10.74
CA TYR C 77 -4.56 17.17 10.93
C TYR C 77 -4.90 17.49 12.37
N PRO C 78 -6.10 17.98 12.64
CA PRO C 78 -6.41 18.44 14.00
C PRO C 78 -6.78 17.32 14.95
N GLN C 79 -7.56 16.36 14.49
CA GLN C 79 -8.15 15.46 15.48
C GLN C 79 -7.15 14.38 15.89
N PRO C 80 -7.01 14.11 17.20
CA PRO C 80 -6.09 13.03 17.64
C PRO C 80 -6.70 11.64 17.41
N MET C 81 -6.73 11.28 16.13
CA MET C 81 -7.24 10.01 15.62
C MET C 81 -6.14 9.35 14.78
N ALA C 82 -6.40 8.13 14.34
CA ALA C 82 -5.50 7.51 13.38
C ALA C 82 -5.45 8.35 12.12
N PRO C 83 -4.26 8.52 11.52
CA PRO C 83 -4.12 9.46 10.39
C PRO C 83 -5.20 9.35 9.34
N ALA C 84 -5.57 8.12 8.96
CA ALA C 84 -6.58 7.95 7.92
C ALA C 84 -7.91 8.57 8.32
N ALA C 85 -8.32 8.41 9.58
CA ALA C 85 -9.59 9.00 10.02
C ALA C 85 -9.46 10.46 10.45
N ALA C 86 -8.24 10.94 10.71
CA ALA C 86 -8.07 12.36 10.96
C ALA C 86 -8.10 13.15 9.66
N ALA C 87 -7.39 12.64 8.64
CA ALA C 87 -7.51 13.18 7.29
C ALA C 87 -8.98 13.23 6.85
N GLU C 88 -9.72 12.14 7.10
CA GLU C 88 -11.11 12.08 6.64
C GLU C 88 -11.99 13.06 7.41
N HIS C 89 -11.83 13.13 8.74
CA HIS C 89 -12.66 14.03 9.54
C HIS C 89 -12.44 15.50 9.16
N ALA C 90 -11.26 15.81 8.64
CA ALA C 90 -10.90 17.17 8.25
C ALA C 90 -10.91 17.36 6.73
N GLY C 91 -11.64 16.51 6.01
CA GLY C 91 -11.89 16.72 4.60
C GLY C 91 -10.67 16.58 3.72
N MET C 92 -9.50 16.38 4.33
CA MET C 92 -8.25 16.21 3.62
C MET C 92 -7.99 14.73 3.30
N ALA C 93 -6.85 14.47 2.68
CA ALA C 93 -6.47 13.14 2.26
C ALA C 93 -5.07 12.83 2.79
N LEU C 94 -4.77 11.54 2.90
CA LEU C 94 -3.44 11.15 3.32
C LEU C 94 -2.43 11.62 2.27
N PRO C 95 -1.22 11.92 2.68
CA PRO C 95 -0.18 12.22 1.68
C PRO C 95 0.11 11.04 0.78
N ALA C 96 1.02 11.21 -0.16
CA ALA C 96 1.41 10.14 -1.06
C ALA C 96 2.74 9.53 -0.63
N ARG C 97 2.96 8.31 -1.09
CA ARG C 97 4.14 7.54 -0.68
C ARG C 97 5.42 8.27 -1.07
N ASP C 98 5.57 8.61 -2.34
CA ASP C 98 6.79 9.30 -2.77
C ASP C 98 6.86 10.72 -2.24
N GLN C 99 5.71 11.36 -1.97
CA GLN C 99 5.75 12.62 -1.22
C GLN C 99 6.48 12.43 0.11
N ILE C 100 6.07 11.41 0.88
CA ILE C 100 6.74 11.10 2.14
C ILE C 100 8.20 10.73 1.90
N VAL C 101 8.43 9.86 0.92
CA VAL C 101 9.80 9.43 0.65
C VAL C 101 10.65 10.60 0.18
N ARG C 102 10.10 11.46 -0.70
CA ARG C 102 10.85 12.63 -1.16
C ARG C 102 11.21 13.54 0.00
N LEU C 103 10.26 13.75 0.93
CA LEU C 103 10.54 14.49 2.15
C LEU C 103 11.76 13.91 2.89
N ILE C 104 11.75 12.58 3.09
CA ILE C 104 12.87 11.94 3.79
C ILE C 104 14.13 12.01 2.94
N ALA C 105 14.01 11.76 1.63
CA ALA C 105 15.14 11.77 0.73
C ALA C 105 15.86 13.11 0.78
N ASP C 106 15.12 14.20 0.53
CA ASP C 106 15.71 15.53 0.53
C ASP C 106 16.53 15.79 1.78
N LEU C 107 16.05 15.26 2.92
CA LEU C 107 16.71 15.51 4.20
C LEU C 107 18.03 14.74 4.34
N ASP C 108 18.21 13.65 3.60
CA ASP C 108 19.35 12.78 3.83
C ASP C 108 20.63 13.39 3.25
N ARG C 109 21.66 13.46 4.09
CA ARG C 109 22.96 14.00 3.77
C ARG C 109 24.01 13.08 4.35
N PRO C 110 25.17 12.98 3.72
CA PRO C 110 26.28 12.24 4.34
C PRO C 110 26.75 12.95 5.60
N GLY C 111 27.06 12.15 6.62
CA GLY C 111 27.40 12.66 7.94
C GLY C 111 26.21 12.97 8.83
N ARG C 112 24.99 12.97 8.29
CA ARG C 112 23.78 13.37 9.01
C ARG C 112 23.02 12.16 9.53
N LEU C 113 22.48 12.29 10.74
CA LEU C 113 21.53 11.34 11.29
C LEU C 113 20.13 11.89 11.14
N THR C 114 19.34 11.30 10.25
CA THR C 114 17.95 11.69 10.07
C THR C 114 17.06 10.72 10.84
N LEU C 115 16.40 11.23 11.87
CA LEU C 115 15.40 10.49 12.63
C LEU C 115 14.03 10.80 12.05
N VAL C 116 13.25 9.76 11.76
CA VAL C 116 11.91 9.90 11.21
C VAL C 116 10.91 9.33 12.23
N GLU C 117 9.90 10.13 12.59
CA GLU C 117 8.90 9.68 13.55
C GLU C 117 7.62 9.34 12.82
N GLY C 118 7.12 8.12 13.03
CA GLY C 118 5.84 7.70 12.50
C GLY C 118 4.68 8.33 13.25
N ALA C 119 3.48 7.84 12.94
CA ALA C 119 2.27 8.25 13.63
C ALA C 119 1.72 7.04 14.38
N GLY C 120 2.03 6.93 15.67
CA GLY C 120 1.56 5.80 16.46
C GLY C 120 2.44 4.58 16.28
N GLY C 121 1.81 3.41 16.15
CA GLY C 121 2.54 2.16 15.97
C GLY C 121 3.00 1.88 14.53
N LEU C 122 3.71 0.76 14.39
CA LEU C 122 4.50 0.47 13.18
C LEU C 122 3.63 0.24 11.94
N LEU C 123 2.43 -0.28 12.09
CA LEU C 123 1.58 -0.60 10.95
C LEU C 123 0.41 0.35 10.80
N VAL C 124 0.47 1.51 11.48
CA VAL C 124 -0.46 2.58 11.19
C VAL C 124 -0.30 3.01 9.74
N GLU C 125 -1.42 3.19 9.04
CA GLU C 125 -1.39 3.71 7.67
C GLU C 125 -0.98 5.18 7.62
N LEU C 126 0.12 5.48 6.93
CA LEU C 126 0.60 6.85 6.72
C LEU C 126 0.31 7.38 5.32
N ALA C 127 -0.02 6.51 4.35
CA ALA C 127 -0.32 6.92 2.99
C ALA C 127 -1.21 5.87 2.34
N GLU C 128 -2.04 6.32 1.37
CA GLU C 128 -2.93 5.36 0.70
C GLU C 128 -2.14 4.51 -0.30
N PRO C 129 -2.43 3.20 -0.40
CA PRO C 129 -3.34 2.41 0.44
C PRO C 129 -2.58 1.47 1.38
N GLY C 130 -2.88 1.53 2.67
CA GLY C 130 -2.18 0.64 3.61
C GLY C 130 -0.67 0.78 3.59
N VAL C 131 -0.18 1.97 3.36
CA VAL C 131 1.26 2.21 3.41
C VAL C 131 1.61 2.61 4.83
N THR C 132 2.76 2.14 5.31
CA THR C 132 3.12 2.24 6.73
C THR C 132 4.57 2.71 6.84
N LEU C 133 4.94 3.05 8.08
CA LEU C 133 6.34 3.40 8.35
C LEU C 133 7.29 2.25 8.03
N ARG C 134 6.79 1.00 8.00
CA ARG C 134 7.64 -0.12 7.59
C ARG C 134 7.93 -0.09 6.10
N ASP C 135 6.89 0.13 5.29
CA ASP C 135 7.06 0.30 3.85
C ASP C 135 8.02 1.45 3.55
N VAL C 136 7.80 2.61 4.21
CA VAL C 136 8.66 3.76 4.01
C VAL C 136 10.11 3.44 4.36
N ALA C 137 10.33 2.77 5.51
CA ALA C 137 11.71 2.48 5.90
C ALA C 137 12.39 1.55 4.91
N VAL C 138 11.62 0.66 4.27
CA VAL C 138 12.19 -0.17 3.21
C VAL C 138 12.59 0.70 2.01
N ASP C 139 11.68 1.59 1.57
CA ASP C 139 11.96 2.44 0.40
C ASP C 139 13.20 3.28 0.58
N VAL C 140 13.45 3.76 1.80
CA VAL C 140 14.59 4.61 2.09
C VAL C 140 15.76 3.84 2.68
N ALA C 141 15.60 2.53 2.90
CA ALA C 141 16.62 1.67 3.51
C ALA C 141 17.04 2.19 4.89
N ALA C 142 16.04 2.35 5.76
CA ALA C 142 16.26 2.81 7.11
C ALA C 142 16.15 1.66 8.11
N ALA C 143 17.05 1.66 9.10
CA ALA C 143 16.88 0.84 10.28
C ALA C 143 15.75 1.40 11.16
N ALA C 144 15.27 0.58 12.09
CA ALA C 144 14.12 0.97 12.92
C ALA C 144 14.48 0.91 14.39
N LEU C 145 14.32 2.04 15.09
CA LEU C 145 14.34 2.07 16.55
C LEU C 145 12.92 1.85 17.06
N VAL C 146 12.78 0.99 18.06
CA VAL C 146 11.46 0.69 18.62
C VAL C 146 11.39 1.32 20.00
N VAL C 147 10.37 2.15 20.21
CA VAL C 147 10.12 2.72 21.53
C VAL C 147 9.08 1.85 22.23
N VAL C 148 9.43 1.37 23.42
CA VAL C 148 8.63 0.42 24.18
C VAL C 148 8.46 1.01 25.58
N THR C 149 7.42 0.54 26.27
CA THR C 149 7.24 0.87 27.68
C THR C 149 7.74 -0.27 28.56
N ALA C 150 7.77 -0.01 29.87
CA ALA C 150 8.07 -1.00 30.87
C ALA C 150 6.82 -1.56 31.53
N ASP C 151 5.64 -1.22 31.02
CA ASP C 151 4.40 -1.59 31.65
C ASP C 151 3.91 -2.94 31.13
N LEU C 152 2.85 -3.45 31.78
CA LEU C 152 2.27 -4.72 31.39
C LEU C 152 1.88 -4.71 29.92
N GLY C 153 1.98 -5.87 29.27
CA GLY C 153 1.69 -5.96 27.86
C GLY C 153 2.78 -5.50 26.94
N THR C 154 3.90 -4.98 27.47
CA THR C 154 4.96 -4.50 26.59
C THR C 154 5.67 -5.64 25.87
N LEU C 155 5.73 -6.83 26.47
CA LEU C 155 6.45 -7.92 25.84
C LEU C 155 5.71 -8.41 24.61
N ASN C 156 4.39 -8.50 24.67
CA ASN C 156 3.63 -8.95 23.51
C ASN C 156 3.73 -7.94 22.37
N HIS C 157 3.54 -6.65 22.70
CA HIS C 157 3.57 -5.63 21.67
C HIS C 157 4.96 -5.50 21.07
N THR C 158 5.99 -5.58 21.90
CA THR C 158 7.35 -5.45 21.39
C THR C 158 7.70 -6.61 20.46
N LYS C 159 7.31 -7.82 20.84
CA LYS C 159 7.64 -8.96 20.00
C LYS C 159 6.85 -8.94 18.70
N LEU C 160 5.58 -8.57 18.78
CA LEU C 160 4.79 -8.40 17.56
C LEU C 160 5.49 -7.42 16.63
N THR C 161 5.94 -6.29 17.18
CA THR C 161 6.60 -5.26 16.38
C THR C 161 7.88 -5.79 15.77
N LEU C 162 8.72 -6.44 16.59
CA LEU C 162 9.98 -7.00 16.10
C LEU C 162 9.77 -8.10 15.06
N GLU C 163 8.64 -8.80 15.11
CA GLU C 163 8.33 -9.78 14.07
C GLU C 163 7.92 -9.10 12.78
N ALA C 164 7.14 -8.03 12.89
CA ALA C 164 6.70 -7.31 11.68
C ALA C 164 7.89 -6.68 10.95
N LEU C 165 8.88 -6.19 11.70
CA LEU C 165 10.05 -5.57 11.08
C LEU C 165 10.92 -6.59 10.38
N ALA C 166 11.10 -7.77 10.99
CA ALA C 166 11.89 -8.80 10.33
C ALA C 166 11.14 -9.41 9.14
N ALA C 167 9.81 -9.37 9.14
CA ALA C 167 9.06 -9.85 7.97
C ALA C 167 9.31 -9.01 6.71
N GLN C 168 10.12 -7.95 6.79
CA GLN C 168 10.49 -7.21 5.59
C GLN C 168 11.96 -6.80 5.64
N GLN C 169 12.78 -7.53 6.40
CA GLN C 169 14.22 -7.29 6.48
C GLN C 169 14.57 -5.88 6.99
N VAL C 170 13.63 -5.20 7.66
CA VAL C 170 13.88 -3.89 8.25
C VAL C 170 14.73 -4.07 9.50
N SER C 171 15.99 -3.69 9.44
CA SER C 171 16.90 -3.95 10.55
C SER C 171 16.46 -3.18 11.80
N CYS C 172 16.53 -3.85 12.95
CA CYS C 172 16.10 -3.28 14.22
C CYS C 172 17.30 -2.69 14.95
N ALA C 173 17.29 -1.38 15.16
CA ALA C 173 18.43 -0.69 15.76
C ALA C 173 18.44 -0.79 17.28
N GLY C 174 17.42 -1.40 17.87
CA GLY C 174 17.34 -1.57 19.30
C GLY C 174 16.07 -1.02 19.88
N LEU C 175 16.00 -1.04 21.19
CA LEU C 175 14.85 -0.60 21.94
C LEU C 175 15.21 0.63 22.76
N VAL C 176 14.18 1.43 23.05
CA VAL C 176 14.28 2.48 24.05
C VAL C 176 13.01 2.41 24.88
N ILE C 177 13.17 2.38 26.20
CA ILE C 177 12.04 2.49 27.10
C ILE C 177 11.77 3.97 27.29
N GLY C 178 10.69 4.46 26.67
CA GLY C 178 10.46 5.90 26.58
C GLY C 178 10.23 6.58 27.91
N SER C 179 9.92 5.80 28.95
CA SER C 179 9.83 6.32 30.31
C SER C 179 10.28 5.20 31.24
N TRP C 180 11.28 5.46 32.05
CA TRP C 180 11.77 4.45 32.98
C TRP C 180 11.52 4.88 34.42
N PRO C 181 10.64 4.20 35.16
CA PRO C 181 10.26 4.66 36.49
C PRO C 181 11.40 4.58 37.48
N ASP C 182 11.23 5.31 38.58
CA ASP C 182 12.24 5.29 39.63
C ASP C 182 11.60 5.41 41.02
N PRO C 183 11.75 4.40 41.88
CA PRO C 183 12.40 3.13 41.53
C PRO C 183 11.44 2.22 40.74
N PRO C 184 11.97 1.22 40.04
CA PRO C 184 11.10 0.32 39.28
C PRO C 184 10.36 -0.64 40.20
N GLY C 185 9.04 -0.71 40.03
CA GLY C 185 8.27 -1.77 40.64
C GLY C 185 8.61 -3.11 40.02
N LEU C 186 7.84 -4.12 40.43
CA LEU C 186 8.16 -5.50 40.05
C LEU C 186 7.95 -5.74 38.56
N VAL C 187 6.79 -5.31 38.03
CA VAL C 187 6.49 -5.52 36.61
C VAL C 187 7.48 -4.76 35.72
N ALA C 188 7.88 -3.55 36.14
CA ALA C 188 8.85 -2.78 35.36
C ALA C 188 10.21 -3.47 35.36
N ALA C 189 10.70 -3.83 36.53
CA ALA C 189 12.01 -4.47 36.64
C ALA C 189 12.06 -5.76 35.83
N SER C 190 10.98 -6.55 35.88
CA SER C 190 10.96 -7.82 35.16
C SER C 190 10.87 -7.62 33.66
N ASN C 191 10.06 -6.64 33.23
CA ASN C 191 9.94 -6.35 31.81
C ASN C 191 11.26 -5.86 31.22
N ARG C 192 11.98 -5.02 31.95
CA ARG C 192 13.27 -4.55 31.46
C ARG C 192 14.25 -5.71 31.27
N SER C 193 14.36 -6.58 32.28
CA SER C 193 15.17 -7.79 32.13
C SER C 193 14.70 -8.62 30.95
N ALA C 194 13.38 -8.84 30.86
CA ALA C 194 12.81 -9.62 29.76
C ALA C 194 13.06 -8.95 28.41
N LEU C 195 12.95 -7.63 28.35
CA LEU C 195 13.24 -6.95 27.08
C LEU C 195 14.73 -7.03 26.74
N ALA C 196 15.60 -6.91 27.77
CA ALA C 196 17.03 -7.05 27.53
C ALA C 196 17.36 -8.38 26.87
N ARG C 197 16.70 -9.45 27.30
CA ARG C 197 16.94 -10.73 26.63
C ARG C 197 16.39 -10.78 25.21
N ILE C 198 15.57 -9.82 24.81
CA ILE C 198 14.99 -9.83 23.46
C ILE C 198 15.86 -9.05 22.48
N ALA C 199 16.36 -7.88 22.89
CA ALA C 199 17.12 -7.00 22.01
C ALA C 199 17.88 -6.01 22.89
N MET C 200 18.67 -5.15 22.24
CA MET C 200 19.46 -4.16 22.95
C MET C 200 18.60 -2.99 23.41
N VAL C 201 18.63 -2.71 24.72
CA VAL C 201 17.95 -1.54 25.28
C VAL C 201 18.95 -0.38 25.25
N ARG C 202 18.92 0.39 24.17
CA ARG C 202 19.89 1.48 23.99
C ARG C 202 19.80 2.49 25.13
N ALA C 203 18.60 2.75 25.61
CA ALA C 203 18.39 3.75 26.64
C ALA C 203 17.09 3.45 27.35
N ALA C 204 17.00 3.93 28.58
CA ALA C 204 15.76 3.92 29.36
C ALA C 204 15.61 5.35 29.88
N LEU C 205 14.80 6.15 29.20
CA LEU C 205 14.72 7.56 29.55
C LEU C 205 13.98 7.73 30.85
N PRO C 206 14.48 8.54 31.78
CA PRO C 206 13.74 8.77 33.04
C PRO C 206 12.38 9.35 32.77
N ALA C 207 11.40 8.95 33.59
CA ALA C 207 10.06 9.53 33.48
C ALA C 207 10.12 11.04 33.68
N GLY C 208 9.13 11.73 33.11
CA GLY C 208 9.10 13.18 33.18
C GLY C 208 10.22 13.88 32.43
N ALA C 209 10.98 13.15 31.60
CA ALA C 209 12.07 13.77 30.86
C ALA C 209 11.58 14.85 29.91
N ALA C 210 10.30 14.79 29.50
CA ALA C 210 9.75 15.81 28.62
C ALA C 210 9.55 17.15 29.34
N SER C 211 9.85 17.24 30.63
CA SER C 211 9.75 18.48 31.38
C SER C 211 11.10 19.08 31.78
N LEU C 212 12.21 18.39 31.50
CA LEU C 212 13.54 18.91 31.79
C LEU C 212 13.86 20.13 30.93
N ASP C 213 14.49 21.15 31.53
CA ASP C 213 14.91 22.29 30.73
C ASP C 213 16.02 21.87 29.77
N ALA C 214 16.38 22.78 28.86
CA ALA C 214 17.29 22.44 27.77
C ALA C 214 18.60 21.84 28.27
N GLY C 215 19.18 22.43 29.32
CA GLY C 215 20.44 21.92 29.83
C GLY C 215 20.28 20.58 30.53
N ASP C 216 19.27 20.46 31.40
CA ASP C 216 19.04 19.18 32.05
C ASP C 216 18.70 18.10 31.04
N PHE C 217 18.07 18.46 29.92
CA PHE C 217 17.73 17.46 28.91
C PHE C 217 18.99 16.88 28.26
N ALA C 218 19.87 17.76 27.77
CA ALA C 218 21.10 17.30 27.12
C ALA C 218 21.98 16.50 28.06
N ALA C 219 21.99 16.86 29.34
CA ALA C 219 22.75 16.10 30.33
C ALA C 219 22.15 14.70 30.51
N MET C 220 20.82 14.64 30.65
CA MET C 220 20.12 13.36 30.66
C MET C 220 20.41 12.57 29.38
N SER C 221 20.20 13.21 28.22
CA SER C 221 20.42 12.52 26.95
C SER C 221 21.83 11.96 26.87
N ALA C 222 22.82 12.76 27.24
CA ALA C 222 24.20 12.30 27.23
C ALA C 222 24.37 11.00 28.00
N ALA C 223 23.72 10.90 29.17
CA ALA C 223 23.89 9.74 30.04
C ALA C 223 23.01 8.57 29.65
N ALA C 224 21.89 8.83 28.97
CA ALA C 224 20.92 7.78 28.66
C ALA C 224 21.47 6.78 27.65
N PHE C 225 22.20 7.27 26.65
CA PHE C 225 22.75 6.44 25.59
C PHE C 225 24.26 6.26 25.77
N ASP C 226 24.74 5.06 25.43
CA ASP C 226 26.17 4.82 25.23
C ASP C 226 26.64 5.59 24.00
N ARG C 227 27.65 6.45 24.18
CA ARG C 227 28.10 7.34 23.11
C ARG C 227 28.74 6.59 21.95
N ASN C 228 29.40 5.44 22.22
CA ASN C 228 29.98 4.66 21.13
C ASN C 228 28.91 4.12 20.19
N TRP C 229 27.74 3.78 20.72
CA TRP C 229 26.63 3.42 19.83
C TRP C 229 26.09 4.64 19.11
N VAL C 230 26.07 5.79 19.79
CA VAL C 230 25.52 7.01 19.20
C VAL C 230 26.38 7.45 18.02
N ALA C 231 27.70 7.50 18.21
CA ALA C 231 28.59 7.93 17.14
C ALA C 231 28.92 6.82 16.15
N GLY C 232 28.68 5.56 16.52
CA GLY C 232 28.69 4.47 15.57
C GLY C 232 27.53 4.49 14.60
N LEU C 233 26.59 5.42 14.76
CA LEU C 233 25.42 5.42 13.87
C LEU C 233 25.74 5.99 12.49
N VAL C 234 26.78 6.82 12.37
CA VAL C 234 27.09 7.51 11.13
C VAL C 234 28.55 7.30 10.78
N GLY C 235 28.99 8.01 9.74
CA GLY C 235 30.42 8.11 9.47
C GLY C 235 31.09 6.83 8.98
N GLY D 9 -12.50 -35.22 14.97
CA GLY D 9 -12.83 -34.79 16.31
C GLY D 9 -13.82 -33.63 16.39
N GLY D 10 -13.49 -32.60 17.17
CA GLY D 10 -14.33 -31.41 17.28
C GLY D 10 -13.62 -30.15 16.82
N THR D 11 -14.09 -28.96 17.24
CA THR D 11 -13.51 -27.68 16.81
C THR D 11 -12.80 -27.05 17.99
N ILE D 12 -11.48 -26.88 17.86
CA ILE D 12 -10.68 -26.16 18.84
C ILE D 12 -10.46 -24.73 18.36
N LEU D 13 -10.79 -23.76 19.21
CA LEU D 13 -10.66 -22.34 18.89
C LEU D 13 -9.87 -21.68 20.01
N VAL D 14 -8.70 -21.13 19.68
CA VAL D 14 -8.02 -20.24 20.63
C VAL D 14 -8.62 -18.85 20.50
N VAL D 15 -8.98 -18.27 21.63
CA VAL D 15 -9.47 -16.90 21.70
C VAL D 15 -8.30 -16.06 22.21
N THR D 16 -7.63 -15.36 21.30
CA THR D 16 -6.49 -14.53 21.68
C THR D 16 -6.92 -13.07 21.69
N GLY D 17 -5.95 -12.16 21.76
CA GLY D 17 -6.30 -10.76 21.86
C GLY D 17 -5.16 -9.88 21.43
N THR D 18 -5.43 -8.57 21.41
CA THR D 18 -4.35 -7.62 21.10
C THR D 18 -3.54 -7.26 22.34
N GLY D 19 -4.04 -7.59 23.52
CA GLY D 19 -3.30 -7.35 24.73
C GLY D 19 -4.03 -7.95 25.92
N THR D 20 -3.60 -7.56 27.10
CA THR D 20 -4.31 -7.96 28.31
C THR D 20 -5.44 -6.99 28.58
N GLY D 21 -6.57 -7.52 29.05
CA GLY D 21 -7.66 -6.68 29.47
C GLY D 21 -8.60 -6.20 28.37
N VAL D 22 -8.80 -7.01 27.33
CA VAL D 22 -9.52 -6.55 26.18
C VAL D 22 -10.83 -7.30 26.01
N GLY D 23 -11.18 -8.15 26.97
CA GLY D 23 -12.41 -8.90 26.94
C GLY D 23 -12.30 -10.34 26.50
N LYS D 24 -11.10 -10.90 26.43
CA LYS D 24 -10.95 -12.30 26.00
C LYS D 24 -11.87 -13.23 26.79
N THR D 25 -11.89 -13.07 28.12
CA THR D 25 -12.70 -13.97 28.96
C THR D 25 -14.19 -13.81 28.68
N VAL D 26 -14.71 -12.58 28.69
CA VAL D 26 -16.16 -12.42 28.49
C VAL D 26 -16.56 -12.77 27.06
N VAL D 27 -15.66 -12.58 26.09
CA VAL D 27 -15.94 -13.06 24.75
C VAL D 27 -16.00 -14.59 24.75
N CYS D 28 -15.12 -15.23 25.54
CA CYS D 28 -15.23 -16.69 25.71
C CYS D 28 -16.58 -17.07 26.29
N ALA D 29 -17.00 -16.38 27.36
CA ALA D 29 -18.32 -16.59 27.95
C ALA D 29 -19.43 -16.40 26.92
N ALA D 30 -19.37 -15.31 26.15
CA ALA D 30 -20.48 -14.98 25.26
C ALA D 30 -20.54 -15.92 24.06
N LEU D 31 -19.38 -16.28 23.51
CA LEU D 31 -19.36 -17.30 22.48
C LEU D 31 -19.88 -18.63 23.01
N ALA D 32 -19.45 -19.02 24.22
CA ALA D 32 -19.86 -20.30 24.76
C ALA D 32 -21.37 -20.30 25.04
N SER D 33 -21.89 -19.18 25.53
CA SER D 33 -23.33 -19.07 25.73
C SER D 33 -24.08 -19.15 24.39
N ALA D 34 -23.56 -18.47 23.37
CA ALA D 34 -24.17 -18.53 22.04
C ALA D 34 -24.10 -19.92 21.45
N ALA D 35 -23.04 -20.67 21.75
CA ALA D 35 -22.88 -22.01 21.18
C ALA D 35 -23.75 -23.01 21.94
N ARG D 36 -23.87 -22.85 23.25
CA ARG D 36 -24.75 -23.73 24.02
C ARG D 36 -26.20 -23.49 23.63
N GLN D 37 -26.57 -22.23 23.40
CA GLN D 37 -27.92 -21.92 22.96
C GLN D 37 -28.23 -22.53 21.59
N ALA D 38 -27.23 -22.62 20.72
CA ALA D 38 -27.36 -23.31 19.45
C ALA D 38 -27.28 -24.82 19.57
N GLY D 39 -27.20 -25.34 20.79
CA GLY D 39 -27.13 -26.77 21.01
C GLY D 39 -25.77 -27.38 20.80
N ILE D 40 -24.69 -26.66 21.11
CA ILE D 40 -23.33 -27.16 20.96
C ILE D 40 -22.70 -27.31 22.34
N ASP D 41 -21.96 -28.40 22.55
CA ASP D 41 -21.33 -28.67 23.83
C ASP D 41 -19.99 -27.97 23.89
N VAL D 42 -19.78 -27.20 24.96
CA VAL D 42 -18.67 -26.26 25.04
C VAL D 42 -17.74 -26.62 26.20
N ALA D 43 -16.44 -26.47 25.97
CA ALA D 43 -15.45 -26.53 27.03
C ALA D 43 -14.49 -25.36 26.88
N VAL D 44 -14.02 -24.86 28.00
CA VAL D 44 -13.16 -23.69 28.02
C VAL D 44 -11.93 -24.01 28.85
N CYS D 45 -10.75 -23.80 28.26
CA CYS D 45 -9.48 -24.14 28.89
C CYS D 45 -8.66 -22.88 29.08
N LYS D 46 -8.29 -22.59 30.33
CA LYS D 46 -7.37 -21.51 30.70
C LYS D 46 -6.20 -22.20 31.40
N PRO D 47 -5.17 -22.62 30.65
CA PRO D 47 -4.13 -23.47 31.27
C PRO D 47 -3.32 -22.79 32.37
N VAL D 48 -3.20 -21.46 32.33
CA VAL D 48 -2.37 -20.72 33.28
C VAL D 48 -3.15 -19.51 33.75
N GLN D 49 -3.34 -19.39 35.07
CA GLN D 49 -4.08 -18.29 35.68
C GLN D 49 -3.16 -17.55 36.63
N THR D 50 -3.02 -16.25 36.43
CA THR D 50 -2.25 -15.38 37.30
C THR D 50 -3.19 -14.53 38.14
N GLY D 51 -2.62 -13.82 39.10
CA GLY D 51 -3.38 -12.92 39.95
C GLY D 51 -4.39 -13.57 40.89
N THR D 52 -4.13 -14.78 41.37
CA THR D 52 -5.10 -15.38 42.28
C THR D 52 -5.03 -14.78 43.68
N ALA D 53 -3.95 -14.09 44.05
CA ALA D 53 -3.88 -13.49 45.38
C ALA D 53 -4.97 -12.45 45.58
N ARG D 54 -5.27 -11.66 44.54
CA ARG D 54 -6.41 -10.74 44.54
C ARG D 54 -7.70 -11.39 44.04
N GLY D 55 -7.72 -12.71 43.83
CA GLY D 55 -8.93 -13.45 43.52
C GLY D 55 -9.26 -13.69 42.05
N ASP D 56 -8.38 -13.31 41.10
CA ASP D 56 -8.67 -13.52 39.67
C ASP D 56 -8.94 -14.99 39.36
N ASP D 57 -9.89 -15.22 38.44
CA ASP D 57 -10.35 -16.58 38.13
C ASP D 57 -11.17 -16.48 36.84
N ASP D 58 -10.47 -16.56 35.71
CA ASP D 58 -11.15 -16.40 34.43
C ASP D 58 -12.14 -17.52 34.18
N LEU D 59 -11.72 -18.78 34.42
CA LEU D 59 -12.64 -19.91 34.24
C LEU D 59 -13.92 -19.74 35.05
N ALA D 60 -13.82 -19.14 36.25
CA ALA D 60 -15.02 -19.03 37.07
C ALA D 60 -15.96 -17.97 36.51
N GLU D 61 -15.41 -16.94 35.88
CA GLU D 61 -16.26 -15.97 35.22
C GLU D 61 -17.02 -16.63 34.06
N VAL D 62 -16.37 -17.53 33.33
CA VAL D 62 -17.03 -18.28 32.26
C VAL D 62 -18.11 -19.19 32.84
N GLY D 63 -17.82 -19.85 33.96
CA GLY D 63 -18.81 -20.72 34.57
C GLY D 63 -20.06 -19.97 35.02
N ARG D 64 -19.87 -18.77 35.57
CA ARG D 64 -21.01 -18.00 36.05
C ARG D 64 -21.81 -17.40 34.90
N LEU D 65 -21.12 -16.76 33.94
CA LEU D 65 -21.82 -16.05 32.88
C LEU D 65 -22.44 -17.01 31.88
N ALA D 66 -21.68 -18.03 31.45
CA ALA D 66 -22.09 -18.93 30.38
C ALA D 66 -22.59 -20.28 30.88
N GLY D 67 -22.42 -20.60 32.17
CA GLY D 67 -22.84 -21.87 32.69
C GLY D 67 -22.03 -23.07 32.24
N VAL D 68 -20.92 -22.87 31.52
CA VAL D 68 -20.02 -23.97 31.16
C VAL D 68 -19.56 -24.68 32.42
N THR D 69 -19.50 -26.02 32.36
CA THR D 69 -18.94 -26.81 33.46
C THR D 69 -17.58 -27.43 33.16
N GLN D 70 -17.30 -27.79 31.91
CA GLN D 70 -15.98 -28.30 31.56
C GLN D 70 -15.05 -27.10 31.46
N LEU D 71 -14.39 -26.82 32.59
CA LEU D 71 -13.53 -25.65 32.78
C LEU D 71 -12.20 -26.22 33.27
N ALA D 72 -11.21 -26.27 32.38
CA ALA D 72 -9.95 -26.95 32.66
C ALA D 72 -8.84 -25.95 32.92
N GLY D 73 -7.96 -26.25 33.88
CA GLY D 73 -6.78 -25.43 34.07
C GLY D 73 -5.63 -26.22 34.67
N LEU D 74 -4.43 -25.71 34.45
CA LEU D 74 -3.19 -26.37 34.87
C LEU D 74 -2.40 -25.67 35.96
N ALA D 75 -2.50 -24.34 36.08
CA ALA D 75 -1.61 -23.64 37.00
C ALA D 75 -2.25 -22.36 37.51
N ARG D 76 -1.82 -21.94 38.71
CA ARG D 76 -2.38 -20.78 39.39
C ARG D 76 -1.26 -20.05 40.10
N TYR D 77 -1.02 -18.80 39.73
CA TYR D 77 0.02 -17.99 40.33
C TYR D 77 -0.59 -16.82 41.07
N PRO D 78 -0.24 -16.61 42.34
CA PRO D 78 -0.91 -15.55 43.11
C PRO D 78 -0.60 -14.16 42.58
N GLN D 79 0.60 -13.94 41.99
CA GLN D 79 0.98 -12.56 41.69
C GLN D 79 0.24 -12.04 40.46
N PRO D 80 -0.19 -10.78 40.49
CA PRO D 80 -0.81 -10.11 39.32
C PRO D 80 0.23 -9.69 38.29
N MET D 81 0.76 -10.68 37.58
CA MET D 81 1.81 -10.45 36.60
C MET D 81 1.55 -11.32 35.39
N ALA D 82 2.45 -11.20 34.43
CA ALA D 82 2.43 -12.12 33.31
C ALA D 82 2.92 -13.49 33.79
N PRO D 83 2.44 -14.57 33.18
CA PRO D 83 2.79 -15.92 33.68
C PRO D 83 4.27 -16.12 33.93
N ALA D 84 5.12 -15.80 32.96
CA ALA D 84 6.56 -16.02 33.11
C ALA D 84 7.10 -15.34 34.36
N ALA D 85 6.72 -14.08 34.57
CA ALA D 85 7.20 -13.36 35.73
C ALA D 85 6.45 -13.79 36.99
N ALA D 86 5.13 -14.01 36.85
CA ALA D 86 4.35 -14.55 37.97
C ALA D 86 4.96 -15.84 38.47
N ALA D 87 5.47 -16.66 37.56
CA ALA D 87 6.10 -17.91 37.99
C ALA D 87 7.44 -17.66 38.67
N GLU D 88 8.23 -16.71 38.16
CA GLU D 88 9.56 -16.48 38.71
C GLU D 88 9.48 -15.87 40.10
N HIS D 89 8.52 -14.97 40.29
CA HIS D 89 8.25 -14.48 41.64
C HIS D 89 7.96 -15.64 42.60
N ALA D 90 7.15 -16.61 42.17
CA ALA D 90 6.79 -17.72 43.04
C ALA D 90 7.95 -18.69 43.25
N GLY D 91 8.95 -18.68 42.37
CA GLY D 91 10.05 -19.63 42.42
C GLY D 91 9.75 -20.94 41.73
N MET D 92 8.78 -20.97 40.81
CA MET D 92 8.29 -22.22 40.26
C MET D 92 8.02 -22.08 38.77
N ALA D 93 8.31 -23.14 38.01
CA ALA D 93 8.19 -23.10 36.56
C ALA D 93 6.74 -23.07 36.10
N LEU D 94 6.53 -22.48 34.92
CA LEU D 94 5.29 -22.65 34.17
C LEU D 94 5.13 -24.13 33.77
N PRO D 95 3.92 -24.56 33.41
CA PRO D 95 3.74 -25.94 32.95
C PRO D 95 4.50 -26.20 31.67
N ALA D 96 4.54 -27.47 31.28
CA ALA D 96 5.24 -27.82 30.07
C ALA D 96 4.36 -27.59 28.84
N ARG D 97 5.00 -27.38 27.68
CA ARG D 97 4.28 -27.45 26.42
C ARG D 97 3.48 -28.73 26.32
N ASP D 98 4.12 -29.86 26.66
CA ASP D 98 3.47 -31.16 26.78
C ASP D 98 2.09 -31.06 27.40
N GLN D 99 2.06 -30.57 28.64
CA GLN D 99 0.83 -30.59 29.42
C GLN D 99 -0.27 -29.80 28.74
N ILE D 100 0.02 -28.56 28.35
CA ILE D 100 -0.99 -27.68 27.76
C ILE D 100 -1.61 -28.33 26.53
N VAL D 101 -0.77 -28.70 25.57
CA VAL D 101 -1.29 -29.23 24.31
C VAL D 101 -2.09 -30.50 24.55
N ARG D 102 -1.57 -31.42 25.37
CA ARG D 102 -2.29 -32.67 25.60
C ARG D 102 -3.61 -32.40 26.32
N LEU D 103 -3.61 -31.42 27.24
CA LEU D 103 -4.85 -31.07 27.94
C LEU D 103 -5.92 -30.66 26.95
N ILE D 104 -5.59 -29.72 26.05
CA ILE D 104 -6.54 -29.28 25.03
C ILE D 104 -6.95 -30.45 24.15
N ALA D 105 -5.99 -31.29 23.74
CA ALA D 105 -6.31 -32.43 22.89
C ALA D 105 -7.29 -33.39 23.58
N ASP D 106 -7.11 -33.61 24.89
CA ASP D 106 -8.00 -34.51 25.61
C ASP D 106 -9.39 -33.89 25.80
N LEU D 107 -9.46 -32.57 26.00
CA LEU D 107 -10.76 -31.89 26.07
C LEU D 107 -11.53 -32.08 24.77
N ASP D 108 -10.83 -32.06 23.65
CA ASP D 108 -11.44 -32.08 22.33
C ASP D 108 -12.16 -33.39 22.10
N ARG D 109 -13.37 -33.29 21.54
CA ARG D 109 -14.16 -34.46 21.21
C ARG D 109 -15.23 -34.05 20.21
N PRO D 110 -15.77 -35.00 19.43
CA PRO D 110 -16.75 -34.64 18.41
C PRO D 110 -17.97 -33.92 18.99
N GLY D 111 -18.47 -32.94 18.24
CA GLY D 111 -19.59 -32.13 18.67
C GLY D 111 -19.28 -31.07 19.69
N ARG D 112 -18.03 -30.99 20.18
CA ARG D 112 -17.64 -30.03 21.21
C ARG D 112 -16.83 -28.87 20.62
N LEU D 113 -17.28 -27.65 20.90
CA LEU D 113 -16.47 -26.46 20.69
C LEU D 113 -15.60 -26.24 21.93
N THR D 114 -14.29 -26.14 21.74
CA THR D 114 -13.31 -26.05 22.81
C THR D 114 -12.59 -24.71 22.70
N LEU D 115 -12.94 -23.76 23.57
CA LEU D 115 -12.28 -22.46 23.60
C LEU D 115 -11.04 -22.48 24.50
N VAL D 116 -9.98 -21.84 24.03
CA VAL D 116 -8.71 -21.78 24.74
C VAL D 116 -8.36 -20.32 24.94
N GLU D 117 -8.29 -19.88 26.19
CA GLU D 117 -7.78 -18.55 26.53
C GLU D 117 -6.37 -18.68 27.09
N GLY D 118 -5.44 -17.89 26.55
CA GLY D 118 -4.11 -17.79 27.12
C GLY D 118 -4.04 -16.75 28.23
N ALA D 119 -2.97 -15.96 28.26
CA ALA D 119 -2.90 -14.78 29.11
C ALA D 119 -2.43 -13.59 28.27
N GLY D 120 -3.15 -12.48 28.38
CA GLY D 120 -2.77 -11.29 27.62
C GLY D 120 -2.80 -11.50 26.12
N GLY D 121 -1.80 -10.93 25.44
CA GLY D 121 -1.72 -10.97 23.99
C GLY D 121 -1.20 -12.30 23.46
N LEU D 122 -1.00 -12.33 22.13
CA LEU D 122 -0.83 -13.60 21.42
C LEU D 122 0.54 -14.23 21.68
N LEU D 123 1.59 -13.43 21.88
CA LEU D 123 2.94 -13.94 22.02
C LEU D 123 3.40 -14.01 23.48
N VAL D 124 2.49 -13.80 24.42
CA VAL D 124 2.81 -14.02 25.83
C VAL D 124 3.27 -15.46 26.05
N GLU D 125 4.36 -15.61 26.81
CA GLU D 125 4.88 -16.94 27.12
C GLU D 125 3.93 -17.69 28.05
N LEU D 126 3.55 -18.92 27.67
CA LEU D 126 2.68 -19.74 28.52
C LEU D 126 3.35 -20.96 29.14
N ALA D 127 4.40 -21.50 28.52
CA ALA D 127 5.02 -22.73 29.01
C ALA D 127 6.55 -22.61 28.88
N GLU D 128 7.26 -23.52 29.57
CA GLU D 128 8.62 -23.22 30.04
C GLU D 128 9.58 -22.77 28.94
N PRO D 129 9.70 -23.44 27.78
CA PRO D 129 10.64 -22.96 26.75
C PRO D 129 10.00 -21.97 25.77
N GLY D 130 9.60 -20.81 26.29
CA GLY D 130 9.11 -19.75 25.44
C GLY D 130 7.82 -20.01 24.68
N VAL D 131 7.05 -21.04 25.07
CA VAL D 131 5.86 -21.42 24.32
C VAL D 131 4.78 -20.36 24.46
N THR D 132 4.06 -20.10 23.37
CA THR D 132 2.98 -19.13 23.31
C THR D 132 1.69 -19.80 22.86
N LEU D 133 0.59 -19.06 22.99
CA LEU D 133 -0.67 -19.55 22.47
C LEU D 133 -0.61 -19.81 20.96
N ARG D 134 0.31 -19.17 20.24
CA ARG D 134 0.40 -19.42 18.80
C ARG D 134 1.03 -20.79 18.52
N ASP D 135 2.12 -21.11 19.21
CA ASP D 135 2.68 -22.46 19.18
C ASP D 135 1.61 -23.49 19.52
N VAL D 136 0.88 -23.28 20.62
CA VAL D 136 -0.19 -24.20 21.01
C VAL D 136 -1.18 -24.39 19.86
N ALA D 137 -1.52 -23.29 19.17
CA ALA D 137 -2.53 -23.36 18.13
C ALA D 137 -2.04 -24.13 16.91
N VAL D 138 -0.76 -23.98 16.55
CA VAL D 138 -0.18 -24.83 15.52
C VAL D 138 -0.34 -26.29 15.91
N ASP D 139 0.14 -26.62 17.11
CA ASP D 139 0.27 -28.01 17.53
C ASP D 139 -1.08 -28.72 17.61
N VAL D 140 -2.18 -28.02 17.84
CA VAL D 140 -3.49 -28.70 17.90
C VAL D 140 -4.37 -28.31 16.72
N ALA D 141 -3.81 -27.60 15.74
CA ALA D 141 -4.52 -27.19 14.53
C ALA D 141 -5.74 -26.33 14.86
N ALA D 142 -5.67 -25.54 15.93
CA ALA D 142 -6.76 -24.64 16.23
C ALA D 142 -6.67 -23.36 15.41
N ALA D 143 -7.85 -22.81 15.10
CA ALA D 143 -8.03 -21.47 14.58
C ALA D 143 -8.04 -20.44 15.71
N ALA D 144 -7.76 -19.18 15.36
CA ALA D 144 -7.64 -18.10 16.33
C ALA D 144 -8.75 -17.08 16.09
N LEU D 145 -9.55 -16.82 17.12
CA LEU D 145 -10.44 -15.67 17.18
C LEU D 145 -9.72 -14.54 17.92
N VAL D 146 -9.70 -13.35 17.32
CA VAL D 146 -8.95 -12.23 17.85
C VAL D 146 -9.93 -11.25 18.51
N VAL D 147 -9.68 -10.95 19.78
CA VAL D 147 -10.48 -9.98 20.52
C VAL D 147 -9.74 -8.64 20.53
N VAL D 148 -10.45 -7.59 20.15
CA VAL D 148 -9.83 -6.30 19.93
C VAL D 148 -10.65 -5.24 20.66
N THR D 149 -10.00 -4.11 20.93
CA THR D 149 -10.70 -2.94 21.45
C THR D 149 -11.13 -2.03 20.30
N ALA D 150 -12.00 -1.08 20.62
CA ALA D 150 -12.40 -0.03 19.70
C ALA D 150 -11.57 1.24 19.84
N ASP D 151 -10.60 1.25 20.75
CA ASP D 151 -9.86 2.44 21.13
C ASP D 151 -8.71 2.72 20.16
N LEU D 152 -8.15 3.93 20.26
CA LEU D 152 -7.01 4.32 19.44
C LEU D 152 -5.87 3.32 19.60
N GLY D 153 -5.22 3.01 18.47
CA GLY D 153 -4.16 2.02 18.47
C GLY D 153 -4.62 0.61 18.21
N THR D 154 -5.93 0.39 18.09
CA THR D 154 -6.42 -0.96 17.86
C THR D 154 -6.04 -1.46 16.48
N LEU D 155 -6.01 -0.58 15.49
CA LEU D 155 -5.72 -1.00 14.12
C LEU D 155 -4.29 -1.54 13.99
N ASN D 156 -3.31 -0.79 14.50
CA ASN D 156 -1.93 -1.27 14.51
C ASN D 156 -1.80 -2.62 15.23
N HIS D 157 -2.50 -2.78 16.36
CA HIS D 157 -2.41 -4.02 17.14
C HIS D 157 -3.12 -5.17 16.43
N THR D 158 -4.31 -4.92 15.89
CA THR D 158 -5.03 -5.95 15.14
C THR D 158 -4.21 -6.44 13.95
N LYS D 159 -3.61 -5.51 13.19
CA LYS D 159 -2.78 -5.90 12.05
C LYS D 159 -1.53 -6.66 12.48
N LEU D 160 -0.88 -6.21 13.54
CA LEU D 160 0.30 -6.91 14.04
C LEU D 160 -0.07 -8.32 14.49
N THR D 161 -1.24 -8.49 15.11
CA THR D 161 -1.65 -9.79 15.60
C THR D 161 -2.04 -10.71 14.45
N LEU D 162 -2.78 -10.17 13.47
CA LEU D 162 -3.17 -10.94 12.30
C LEU D 162 -1.95 -11.40 11.50
N GLU D 163 -0.97 -10.53 11.33
CA GLU D 163 0.22 -10.95 10.61
C GLU D 163 0.94 -12.05 11.37
N ALA D 164 1.01 -11.94 12.70
CA ALA D 164 1.75 -12.93 13.47
C ALA D 164 1.09 -14.30 13.41
N LEU D 165 -0.24 -14.33 13.28
CA LEU D 165 -0.93 -15.59 13.04
C LEU D 165 -0.54 -16.17 11.69
N ALA D 166 -0.61 -15.35 10.64
CA ALA D 166 -0.38 -15.84 9.29
C ALA D 166 1.06 -16.26 9.07
N ALA D 167 2.00 -15.71 9.86
CA ALA D 167 3.40 -16.09 9.71
C ALA D 167 3.63 -17.56 10.03
N GLN D 168 2.78 -18.14 10.90
CA GLN D 168 2.84 -19.54 11.28
C GLN D 168 1.56 -20.27 10.89
N GLN D 169 0.96 -19.89 9.78
CA GLN D 169 -0.14 -20.62 9.14
C GLN D 169 -1.29 -20.94 10.11
N VAL D 170 -1.42 -20.17 11.20
CA VAL D 170 -2.58 -20.29 12.08
C VAL D 170 -3.74 -19.53 11.44
N SER D 171 -4.86 -20.21 11.26
CA SER D 171 -5.97 -19.60 10.55
C SER D 171 -6.75 -18.66 11.47
N CYS D 172 -7.34 -17.64 10.85
CA CYS D 172 -7.94 -16.51 11.55
C CYS D 172 -9.46 -16.59 11.40
N ALA D 173 -10.15 -16.68 12.52
CA ALA D 173 -11.59 -16.91 12.56
C ALA D 173 -12.40 -15.61 12.60
N GLY D 174 -11.74 -14.46 12.55
CA GLY D 174 -12.42 -13.18 12.63
C GLY D 174 -12.06 -12.43 13.90
N LEU D 175 -12.62 -11.24 14.00
CA LEU D 175 -12.46 -10.42 15.18
C LEU D 175 -13.75 -10.35 15.97
N VAL D 176 -13.59 -10.08 17.26
CA VAL D 176 -14.67 -9.68 18.14
C VAL D 176 -14.17 -8.44 18.88
N ILE D 177 -15.03 -7.43 18.99
CA ILE D 177 -14.72 -6.26 19.80
C ILE D 177 -15.20 -6.57 21.22
N GLY D 178 -14.28 -6.50 22.18
CA GLY D 178 -14.60 -6.95 23.53
C GLY D 178 -15.64 -6.08 24.20
N SER D 179 -15.46 -4.76 24.14
CA SER D 179 -16.39 -3.82 24.76
C SER D 179 -16.73 -2.74 23.74
N TRP D 180 -18.03 -2.52 23.53
CA TRP D 180 -18.53 -1.59 22.53
C TRP D 180 -19.38 -0.52 23.21
N PRO D 181 -19.03 0.76 23.10
CA PRO D 181 -19.62 1.78 23.97
C PRO D 181 -20.98 2.29 23.50
N ASP D 182 -21.71 2.87 24.44
CA ASP D 182 -23.05 3.39 24.20
C ASP D 182 -23.17 4.77 24.84
N PRO D 183 -23.01 5.85 24.06
CA PRO D 183 -22.79 5.84 22.61
C PRO D 183 -21.33 5.67 22.21
N PRO D 184 -21.09 5.25 20.98
CA PRO D 184 -19.70 5.21 20.47
C PRO D 184 -19.19 6.62 20.21
N GLY D 185 -17.99 6.90 20.72
CA GLY D 185 -17.35 8.18 20.48
C GLY D 185 -16.91 8.33 19.03
N LEU D 186 -16.08 9.34 18.81
CA LEU D 186 -15.53 9.56 17.47
C LEU D 186 -14.55 8.45 17.09
N VAL D 187 -13.54 8.23 17.93
CA VAL D 187 -12.52 7.23 17.64
C VAL D 187 -13.12 5.84 17.54
N ALA D 188 -14.04 5.51 18.47
CA ALA D 188 -14.66 4.19 18.46
C ALA D 188 -15.37 3.91 17.15
N ALA D 189 -16.22 4.85 16.71
CA ALA D 189 -17.05 4.65 15.53
C ALA D 189 -16.21 4.43 14.29
N SER D 190 -15.09 5.14 14.18
CA SER D 190 -14.20 5.00 13.03
C SER D 190 -13.38 3.72 13.13
N ASN D 191 -12.96 3.35 14.35
CA ASN D 191 -12.13 2.16 14.50
C ASN D 191 -12.90 0.91 14.13
N ARG D 192 -14.19 0.84 14.46
CA ARG D 192 -14.97 -0.33 14.10
C ARG D 192 -15.07 -0.48 12.58
N SER D 193 -15.39 0.61 11.88
CA SER D 193 -15.50 0.57 10.42
C SER D 193 -14.18 0.19 9.78
N ALA D 194 -13.07 0.65 10.35
CA ALA D 194 -11.76 0.29 9.83
C ALA D 194 -11.43 -1.18 10.13
N LEU D 195 -11.84 -1.70 11.29
CA LEU D 195 -11.60 -3.10 11.59
C LEU D 195 -12.40 -3.98 10.66
N ALA D 196 -13.68 -3.63 10.45
CA ALA D 196 -14.56 -4.39 9.59
C ALA D 196 -14.01 -4.56 8.17
N ARG D 197 -13.12 -3.65 7.72
CA ARG D 197 -12.48 -3.83 6.42
C ARG D 197 -11.28 -4.77 6.48
N ILE D 198 -10.75 -5.06 7.67
CA ILE D 198 -9.61 -5.95 7.81
C ILE D 198 -10.05 -7.42 7.84
N ALA D 199 -11.18 -7.69 8.50
CA ALA D 199 -11.69 -9.05 8.67
C ALA D 199 -13.12 -8.95 9.20
N MET D 200 -13.80 -10.10 9.21
CA MET D 200 -15.15 -10.16 9.74
C MET D 200 -15.17 -9.84 11.23
N VAL D 201 -16.11 -9.00 11.65
CA VAL D 201 -16.33 -8.69 13.05
C VAL D 201 -17.48 -9.59 13.50
N ARG D 202 -17.14 -10.72 14.14
CA ARG D 202 -18.16 -11.69 14.53
C ARG D 202 -19.09 -11.14 15.58
N ALA D 203 -18.61 -10.21 16.40
CA ALA D 203 -19.41 -9.68 17.50
C ALA D 203 -18.75 -8.41 18.02
N ALA D 204 -19.57 -7.60 18.68
CA ALA D 204 -19.10 -6.43 19.42
C ALA D 204 -19.96 -6.40 20.67
N LEU D 205 -19.45 -7.01 21.73
CA LEU D 205 -20.23 -7.14 22.96
C LEU D 205 -20.44 -5.76 23.58
N PRO D 206 -21.60 -5.52 24.19
CA PRO D 206 -21.85 -4.22 24.82
C PRO D 206 -20.89 -3.94 25.96
N ALA D 207 -20.98 -2.73 26.48
CA ALA D 207 -19.99 -2.26 27.46
C ALA D 207 -20.07 -3.02 28.76
N GLY D 208 -21.27 -3.24 29.30
CA GLY D 208 -21.42 -3.88 30.59
C GLY D 208 -21.82 -5.34 30.52
N ALA D 209 -21.29 -6.06 29.53
CA ALA D 209 -21.64 -7.46 29.37
C ALA D 209 -21.16 -8.31 30.56
N ALA D 210 -19.95 -8.03 31.04
CA ALA D 210 -19.40 -8.81 32.15
C ALA D 210 -20.25 -8.73 33.41
N SER D 211 -21.17 -7.76 33.50
CA SER D 211 -21.95 -7.56 34.71
C SER D 211 -23.39 -8.05 34.59
N LEU D 212 -23.82 -8.48 33.41
CA LEU D 212 -25.15 -9.07 33.25
C LEU D 212 -25.30 -10.32 34.12
N ASP D 213 -26.52 -10.57 34.56
CA ASP D 213 -26.79 -11.87 35.18
C ASP D 213 -26.93 -12.91 34.08
N ALA D 214 -26.97 -14.19 34.50
CA ALA D 214 -26.89 -15.30 33.54
C ALA D 214 -28.03 -15.25 32.52
N GLY D 215 -29.22 -14.84 32.95
CA GLY D 215 -30.33 -14.77 32.02
C GLY D 215 -30.11 -13.71 30.96
N ASP D 216 -29.73 -12.51 31.38
CA ASP D 216 -29.52 -11.42 30.45
C ASP D 216 -28.32 -11.68 29.55
N PHE D 217 -27.21 -12.14 30.15
CA PHE D 217 -26.00 -12.42 29.38
C PHE D 217 -26.26 -13.40 28.26
N ALA D 218 -27.12 -14.40 28.50
CA ALA D 218 -27.46 -15.34 27.45
C ALA D 218 -28.17 -14.64 26.30
N ALA D 219 -29.15 -13.78 26.62
CA ALA D 219 -29.83 -13.00 25.59
C ALA D 219 -28.84 -12.22 24.75
N MET D 220 -28.07 -11.33 25.40
CA MET D 220 -26.98 -10.61 24.75
C MET D 220 -26.11 -11.54 23.91
N SER D 221 -25.64 -12.65 24.51
CA SER D 221 -24.73 -13.54 23.80
C SER D 221 -25.40 -14.15 22.57
N ALA D 222 -26.68 -14.51 22.69
CA ALA D 222 -27.42 -14.96 21.53
C ALA D 222 -27.53 -13.86 20.49
N ALA D 223 -27.60 -12.61 20.93
CA ALA D 223 -27.76 -11.48 20.03
C ALA D 223 -26.45 -11.14 19.32
N ALA D 224 -25.39 -10.93 20.10
CA ALA D 224 -24.15 -10.38 19.57
C ALA D 224 -23.45 -11.27 18.55
N PHE D 225 -23.89 -12.51 18.35
CA PHE D 225 -23.28 -13.37 17.35
C PHE D 225 -24.30 -13.72 16.27
N ASP D 226 -23.78 -14.18 15.13
CA ASP D 226 -24.62 -14.70 14.05
C ASP D 226 -24.83 -16.20 14.28
N ARG D 227 -26.09 -16.58 14.52
CA ARG D 227 -26.39 -17.97 14.89
C ARG D 227 -25.87 -18.96 13.87
N ASN D 228 -25.81 -18.57 12.60
CA ASN D 228 -25.36 -19.48 11.54
C ASN D 228 -23.85 -19.67 11.58
N TRP D 229 -23.09 -18.60 11.80
CA TRP D 229 -21.65 -18.74 11.98
C TRP D 229 -21.33 -19.56 13.23
N VAL D 230 -22.07 -19.32 14.32
CA VAL D 230 -21.87 -20.09 15.55
C VAL D 230 -22.16 -21.56 15.31
N ALA D 231 -23.33 -21.86 14.71
CA ALA D 231 -23.70 -23.25 14.43
C ALA D 231 -22.75 -23.90 13.41
N GLY D 232 -22.12 -23.10 12.54
CA GLY D 232 -21.16 -23.65 11.60
C GLY D 232 -19.81 -23.95 12.18
N LEU D 233 -19.56 -23.53 13.42
CA LEU D 233 -18.34 -23.94 14.10
C LEU D 233 -18.34 -25.44 14.39
N VAL D 234 -19.51 -26.02 14.64
CA VAL D 234 -19.71 -27.46 14.92
C VAL D 234 -18.68 -28.02 15.89
#